data_3LSM
#
_entry.id   3LSM
#
_cell.length_a   101.568
_cell.length_b   101.568
_cell.length_c   249.577
_cell.angle_alpha   90.00
_cell.angle_beta   90.00
_cell.angle_gamma   90.00
#
_symmetry.space_group_name_H-M   'P 43 21 2'
#
loop_
_entity.id
_entity.type
_entity.pdbx_description
1 polymer 'Pyranose 2-oxidase'
2 non-polymer '(S)-10-((2S,3S,4R)-5-((S)-((S)-(((2R,3S,4R,5R)-5-(6-AMINO-9H-PURIN-9-YL)-3,4-DIHYDROXY-TETRAHYDROFURAN-2-YL)METHOXY)(HYDROXY)PHOSPHORYLOXY)(HYDROXY)PHOSPHORYLOXY)-2,3,4-TRIHYDROXYPENTYL)-7,8-DIMETHYL-2,4-DIOXO-2,3,4,4A-TETRAHYDROBENZO[G]PTERIDINE-5(10H)-SULFONIC ACID'
3 non-polymer 'SULFITE ION'
4 non-polymer alpha-D-glucopyranose
5 non-polymer 'DODECAETHYLENE GLYCOL'
6 water water
#
_entity_poly.entity_id   1
_entity_poly.type   'polypeptide(L)'
_entity_poly.pdbx_seq_one_letter_code
;MSTSSSDPFFNFAKSSFRSAAAQKASASSLPPLPGPDKKVPGMDIKYDVVIVGSGPIGCTYARELVGAGYKVAMFDIGEI
DSGLKIGAHKKNTVEYQKNIDKFVNVIQGQLMSVSVPVNTLVVDTLSPTSWQASTFFVRNGSNPEQDPLRNLSGQAVTRV
VGGMSTAWTCATPRFDREQRPLLVKDDADADDAEWDRLYTKAESYFQTGTDQFKESIRHNLVLNKLTEEYKGQRDFQQIP
LAATRRSPTFVEWSSANTVFDLQNRPNTDAPEERFNLFPAVACERVVRNALNSEIESLHIHDLISGDRFEIKADVYVLTA
GAVHNTQLLVNSGFGQLGRPNPANPPELLPSLGSYITEQSLVFCQTVMSTELIDSVKSDMTIRGTPGELTYSVTYTPGAS
TNKHPDWWNEKVKNHMMQHQEDPLPIPFEDPEPQVTTLFQPSHPWHTQIHRDAFSYGAVQQSIDSRLIVDWRFFGRTEPK
EENKLWFSDKITDAYNMPQPTFDFRFPAGRTSKEAEDMMTDMCVMSAKIGGFLPGSLPQFMEPGLVLHLGGTHRMGFDEK
EDNCCVNTDSRVFGFKNLFLGGCGNIPTAYGANPTLTAMSLAIKSCEYIKQNFTPSPFTSEAQ
;
_entity_poly.pdbx_strand_id   A,B
#
loop_
_chem_comp.id
_chem_comp.type
_chem_comp.name
_chem_comp.formula
12P non-polymer 'DODECAETHYLENE GLYCOL' 'C24 H50 O13'
GLC D-saccharide, alpha linking alpha-D-glucopyranose 'C6 H12 O6'
SFD non-polymer '(S)-10-((2S,3S,4R)-5-((S)-((S)-(((2R,3S,4R,5R)-5-(6-AMINO-9H-PURIN-9-YL)-3,4-DIHYDROXY-TETRAHYDROFURAN-2-YL)METHOXY)(HYDROXY)PHOSPHORYLOXY)(HYDROXY)PHOSPHORYLOXY)-2,3,4-TRIHYDROXYPENTYL)-7,8-DIMETHYL-2,4-DIOXO-2,3,4,4A-TETRAHYDROBENZO[G]PTERIDINE-5(10H)-SULFONIC ACID' 'C27 H35 N9 O18 P2 S'
SO3 non-polymer 'SULFITE ION' 'O3 S -2'
#
# COMPACT_ATOMS: atom_id res chain seq x y z
N ILE A 45 -8.07 33.81 2.00
CA ILE A 45 -8.75 34.21 0.76
C ILE A 45 -7.70 34.45 -0.38
N LYS A 46 -6.73 35.31 -0.03
CA LYS A 46 -5.73 35.80 -0.97
C LYS A 46 -4.27 35.44 -0.61
N TYR A 47 -3.50 35.03 -1.61
CA TYR A 47 -2.10 34.56 -1.39
C TYR A 47 -1.18 35.27 -2.40
N ASP A 48 0.14 35.27 -2.17
CA ASP A 48 1.03 35.78 -3.20
C ASP A 48 1.11 34.76 -4.35
N VAL A 49 1.30 33.49 -3.96
CA VAL A 49 1.50 32.36 -4.84
C VAL A 49 0.60 31.24 -4.45
N VAL A 50 -0.06 30.62 -5.45
CA VAL A 50 -0.74 29.39 -5.21
C VAL A 50 -0.17 28.32 -6.09
N ILE A 51 0.10 27.13 -5.50
CA ILE A 51 0.72 26.00 -6.20
C ILE A 51 -0.31 24.85 -6.20
N VAL A 52 -0.53 24.32 -7.41
CA VAL A 52 -1.38 23.15 -7.60
C VAL A 52 -0.47 21.91 -7.69
N GLY A 53 -0.56 21.03 -6.66
CA GLY A 53 0.19 19.80 -6.55
C GLY A 53 1.35 19.86 -5.62
N SER A 54 1.46 18.81 -4.76
CA SER A 54 2.48 18.74 -3.71
C SER A 54 3.54 17.68 -4.03
N GLY A 55 3.70 17.32 -5.30
CA GLY A 55 4.85 16.47 -5.62
C GLY A 55 6.17 17.20 -5.49
N PRO A 56 7.24 16.59 -5.99
CA PRO A 56 8.52 17.13 -5.77
C PRO A 56 8.71 18.44 -6.58
N ILE A 57 7.96 18.62 -7.70
CA ILE A 57 8.13 19.85 -8.52
C ILE A 57 7.37 20.96 -7.81
N GLY A 58 6.13 20.75 -7.43
CA GLY A 58 5.45 21.74 -6.54
C GLY A 58 6.26 22.16 -5.31
N CYS A 59 6.89 21.20 -4.67
CA CYS A 59 7.68 21.44 -3.49
C CYS A 59 8.96 22.20 -3.86
N THR A 60 9.43 22.10 -5.11
CA THR A 60 10.56 23.00 -5.52
C THR A 60 10.13 24.48 -5.53
N TYR A 61 8.98 24.76 -6.10
CA TYR A 61 8.39 26.09 -6.05
C TYR A 61 8.15 26.52 -4.63
N ALA A 62 7.66 25.63 -3.80
CA ALA A 62 7.43 26.03 -2.38
C ALA A 62 8.76 26.36 -1.67
N ARG A 63 9.75 25.49 -1.85
CA ARG A 63 11.01 25.70 -1.19
C ARG A 63 11.59 27.09 -1.52
N GLU A 64 11.68 27.33 -2.83
CA GLU A 64 12.20 28.61 -3.36
C GLU A 64 11.42 29.83 -2.92
N LEU A 65 10.12 29.74 -3.05
CA LEU A 65 9.26 30.92 -2.86
C LEU A 65 8.85 31.16 -1.40
N VAL A 66 8.58 30.12 -0.63
CA VAL A 66 8.40 30.32 0.82
C VAL A 66 9.67 30.90 1.37
N GLY A 67 10.81 30.38 0.94
CA GLY A 67 12.10 30.84 1.42
C GLY A 67 12.38 32.30 1.11
N ALA A 68 11.82 32.79 0.01
CA ALA A 68 12.03 34.14 -0.39
C ALA A 68 10.97 35.11 0.17
N GLY A 69 10.16 34.64 1.15
CA GLY A 69 9.20 35.51 1.87
C GLY A 69 7.82 35.64 1.28
N TYR A 70 7.47 34.85 0.27
CA TYR A 70 6.14 34.95 -0.32
C TYR A 70 5.14 34.24 0.54
N LYS A 71 3.90 34.75 0.58
CA LYS A 71 2.79 34.04 1.23
C LYS A 71 2.21 32.97 0.29
N VAL A 72 2.44 31.72 0.60
CA VAL A 72 2.19 30.66 -0.34
C VAL A 72 1.11 29.72 0.15
N ALA A 73 0.22 29.26 -0.79
CA ALA A 73 -0.74 28.21 -0.52
C ALA A 73 -0.47 27.12 -1.55
N MET A 74 -0.60 25.89 -1.09
CA MET A 74 -0.48 24.73 -2.00
C MET A 74 -1.71 23.85 -1.75
N PHE A 75 -2.26 23.31 -2.87
CA PHE A 75 -3.45 22.48 -2.85
C PHE A 75 -3.13 21.13 -3.44
N ASP A 76 -3.55 20.01 -2.87
CA ASP A 76 -3.41 18.74 -3.48
C ASP A 76 -4.76 18.05 -3.37
N ILE A 77 -5.11 17.37 -4.45
CA ILE A 77 -6.36 16.60 -4.54
C ILE A 77 -6.29 15.37 -3.62
N GLY A 78 -5.06 14.88 -3.35
CA GLY A 78 -4.87 13.78 -2.44
C GLY A 78 -4.57 14.23 -1.03
N GLU A 79 -4.40 13.23 -0.17
CA GLU A 79 -4.38 13.45 1.27
C GLU A 79 -3.01 13.05 1.84
N ILE A 80 -2.79 13.44 3.08
CA ILE A 80 -1.54 13.15 3.75
C ILE A 80 -1.56 11.62 4.05
N ASP A 81 -0.43 11.02 3.67
CA ASP A 81 -0.10 9.57 3.46
C ASP A 81 1.29 8.88 3.74
N SER A 82 2.23 9.57 4.39
CA SER A 82 3.50 9.02 4.70
C SER A 82 3.95 9.15 6.17
N GLY A 83 3.03 9.27 7.10
CA GLY A 83 3.43 9.47 8.51
C GLY A 83 3.59 10.96 8.89
N LEU A 84 4.34 11.23 9.96
CA LEU A 84 4.45 12.58 10.46
C LEU A 84 5.29 13.47 9.54
N LYS A 85 6.18 12.85 8.74
CA LYS A 85 6.96 13.61 7.71
C LYS A 85 6.12 13.72 6.47
N ILE A 86 5.54 14.88 6.23
CA ILE A 86 4.48 15.05 5.24
C ILE A 86 5.08 14.97 3.83
N GLY A 87 4.45 14.10 2.99
CA GLY A 87 4.92 13.92 1.67
C GLY A 87 6.24 13.16 1.55
N ALA A 88 6.56 12.37 2.57
CA ALA A 88 7.89 11.61 2.57
C ALA A 88 7.79 10.28 1.81
N HIS A 89 8.93 9.60 1.65
CA HIS A 89 8.94 8.32 0.92
C HIS A 89 8.39 7.23 1.81
N LYS A 90 7.36 6.56 1.31
CA LYS A 90 6.68 5.46 2.03
C LYS A 90 7.59 4.28 2.33
N LYS A 91 8.74 4.20 1.62
CA LYS A 91 9.65 3.05 1.70
C LYS A 91 10.62 3.26 2.88
N ASN A 92 10.52 4.41 3.55
CA ASN A 92 11.46 4.75 4.63
C ASN A 92 10.99 4.19 5.97
N THR A 93 10.22 3.14 5.96
CA THR A 93 9.94 2.49 7.21
C THR A 93 10.88 1.31 7.42
N VAL A 94 11.13 1.04 8.71
CA VAL A 94 11.92 -0.14 9.06
C VAL A 94 11.36 -1.39 8.43
N GLU A 95 10.02 -1.54 8.49
CA GLU A 95 9.37 -2.70 7.97
C GLU A 95 9.59 -2.90 6.45
N TYR A 96 9.54 -1.82 5.70
CA TYR A 96 9.71 -1.93 4.28
C TYR A 96 11.19 -2.11 3.96
N GLN A 97 12.09 -1.58 4.78
CA GLN A 97 13.49 -1.88 4.44
C GLN A 97 13.96 -3.29 4.76
N LYS A 98 13.23 -3.96 5.62
CA LYS A 98 13.35 -5.38 5.87
C LYS A 98 12.54 -6.26 4.90
N ASN A 99 11.67 -5.67 4.09
CA ASN A 99 10.70 -6.42 3.25
C ASN A 99 10.48 -5.62 1.94
N ILE A 100 11.54 -5.38 1.19
CA ILE A 100 11.43 -4.48 0.07
C ILE A 100 10.49 -4.98 -1.03
N ASP A 101 10.39 -6.31 -1.20
CA ASP A 101 9.44 -6.95 -2.09
C ASP A 101 8.02 -6.48 -1.85
N LYS A 102 7.68 -6.26 -0.59
CA LYS A 102 6.29 -5.92 -0.29
C LYS A 102 5.95 -4.53 -0.77
N PHE A 103 6.95 -3.69 -0.97
CA PHE A 103 6.67 -2.29 -1.31
C PHE A 103 6.06 -2.20 -2.77
N VAL A 104 6.31 -3.21 -3.58
CA VAL A 104 5.72 -3.27 -4.93
C VAL A 104 4.19 -3.11 -4.77
N ASN A 105 3.62 -3.79 -3.77
CA ASN A 105 2.18 -3.69 -3.57
C ASN A 105 1.72 -2.31 -3.19
N VAL A 106 2.47 -1.60 -2.35
CA VAL A 106 2.15 -0.22 -2.04
C VAL A 106 2.09 0.64 -3.34
N ILE A 107 3.08 0.47 -4.20
CA ILE A 107 3.13 1.22 -5.46
C ILE A 107 1.88 0.95 -6.30
N GLN A 108 1.57 -0.34 -6.44
CA GLN A 108 0.40 -0.80 -7.24
C GLN A 108 -0.86 -0.18 -6.70
N GLY A 109 -0.94 -0.08 -5.37
CA GLY A 109 -2.17 0.41 -4.74
C GLY A 109 -2.35 1.92 -4.89
N GLN A 110 -1.36 2.65 -5.36
CA GLN A 110 -1.58 4.09 -5.55
C GLN A 110 -1.41 4.57 -7.00
N LEU A 111 -1.30 3.66 -7.93
CA LEU A 111 -1.24 4.02 -9.33
C LEU A 111 -2.58 3.73 -9.99
N MET A 112 -3.28 4.80 -10.28
CA MET A 112 -4.60 4.73 -10.87
C MET A 112 -4.53 4.95 -12.43
N SER A 113 -4.96 3.98 -13.19
CA SER A 113 -4.80 4.09 -14.68
C SER A 113 -5.42 5.32 -15.24
N VAL A 114 -4.77 5.90 -16.24
CA VAL A 114 -5.25 7.14 -16.88
C VAL A 114 -6.41 6.92 -17.80
N SER A 115 -6.25 5.95 -18.70
CA SER A 115 -7.24 5.67 -19.76
C SER A 115 -7.35 4.20 -20.03
N VAL A 116 -8.52 3.61 -19.69
CA VAL A 116 -8.73 2.16 -19.80
C VAL A 116 -9.76 1.97 -20.87
N PRO A 117 -9.43 1.33 -22.01
CA PRO A 117 -10.43 1.15 -23.10
C PRO A 117 -11.53 0.22 -22.66
N VAL A 118 -12.62 0.27 -23.39
CA VAL A 118 -13.71 -0.67 -23.15
C VAL A 118 -13.26 -2.10 -23.34
N ASN A 119 -13.59 -2.92 -22.36
CA ASN A 119 -13.16 -4.31 -22.22
C ASN A 119 -13.99 -5.22 -23.16
N THR A 120 -13.30 -6.08 -23.87
CA THR A 120 -13.97 -6.95 -24.86
C THR A 120 -13.62 -8.42 -24.65
N LEU A 121 -13.17 -8.75 -23.44
CA LEU A 121 -12.93 -10.14 -23.10
C LEU A 121 -14.25 -10.93 -23.04
N VAL A 122 -14.21 -12.15 -23.57
CA VAL A 122 -15.37 -13.02 -23.67
C VAL A 122 -15.37 -13.93 -22.48
N VAL A 123 -16.39 -13.78 -21.69
CA VAL A 123 -16.65 -14.70 -20.58
C VAL A 123 -17.86 -15.50 -20.95
N ASP A 124 -17.68 -16.76 -21.36
CA ASP A 124 -18.84 -17.50 -21.79
C ASP A 124 -19.10 -18.73 -20.93
N THR A 125 -18.47 -18.71 -19.75
CA THR A 125 -18.68 -19.80 -18.71
C THR A 125 -19.48 -19.29 -17.53
N LEU A 126 -20.22 -18.19 -17.68
CA LEU A 126 -21.21 -17.84 -16.69
C LEU A 126 -22.29 -18.93 -16.61
N SER A 127 -22.87 -19.12 -15.40
CA SER A 127 -24.03 -19.91 -15.28
C SER A 127 -25.15 -19.34 -16.15
N PRO A 128 -25.94 -20.22 -16.81
CA PRO A 128 -27.16 -19.71 -17.52
C PRO A 128 -28.10 -18.79 -16.70
N THR A 129 -28.12 -18.88 -15.36
CA THR A 129 -29.00 -17.94 -14.60
C THR A 129 -28.43 -16.55 -14.44
N SER A 130 -27.11 -16.40 -14.54
CA SER A 130 -26.44 -15.09 -14.37
C SER A 130 -26.76 -14.09 -15.50
N TRP A 131 -26.89 -12.85 -15.09
CA TRP A 131 -27.17 -11.76 -16.01
C TRP A 131 -25.95 -11.65 -16.96
N GLN A 132 -26.20 -11.68 -18.28
CA GLN A 132 -25.07 -11.90 -19.29
C GLN A 132 -25.28 -10.80 -20.32
N ALA A 133 -24.18 -10.12 -20.59
CA ALA A 133 -24.25 -8.93 -21.39
C ALA A 133 -24.56 -9.32 -22.83
N SER A 134 -25.25 -8.46 -23.57
CA SER A 134 -25.38 -8.60 -25.07
C SER A 134 -24.44 -7.82 -25.89
N THR A 135 -23.77 -6.84 -25.27
CA THR A 135 -22.80 -6.06 -25.95
C THR A 135 -21.62 -5.82 -25.02
N PHE A 136 -20.54 -5.29 -25.57
CA PHE A 136 -19.38 -4.81 -24.75
C PHE A 136 -19.56 -3.37 -24.38
N PHE A 137 -20.47 -3.16 -23.43
CA PHE A 137 -20.87 -1.83 -22.98
C PHE A 137 -19.86 -1.19 -22.04
N VAL A 138 -19.99 0.13 -21.85
CA VAL A 138 -19.01 0.85 -21.01
C VAL A 138 -19.20 0.47 -19.58
N ARG A 139 -18.21 -0.12 -19.01
CA ARG A 139 -18.32 -0.31 -17.62
C ARG A 139 -17.05 -0.18 -16.84
N ASN A 140 -17.20 -0.22 -15.50
CA ASN A 140 -16.09 -0.23 -14.54
C ASN A 140 -15.14 0.96 -14.80
N GLY A 141 -15.68 2.07 -15.23
CA GLY A 141 -14.92 3.30 -15.46
C GLY A 141 -14.10 3.39 -16.74
N SER A 142 -14.34 2.48 -17.67
CA SER A 142 -13.63 2.50 -18.94
C SER A 142 -14.02 3.76 -19.76
N ASN A 143 -13.16 4.03 -20.69
CA ASN A 143 -13.17 5.22 -21.48
C ASN A 143 -13.56 4.87 -22.91
N PRO A 144 -14.80 5.13 -23.34
CA PRO A 144 -15.10 4.69 -24.72
C PRO A 144 -14.48 5.51 -25.85
N GLU A 145 -13.83 6.64 -25.53
CA GLU A 145 -13.12 7.42 -26.50
C GLU A 145 -11.82 6.70 -26.90
N GLN A 146 -11.34 5.80 -26.06
CA GLN A 146 -9.94 5.30 -26.20
C GLN A 146 -9.83 4.16 -27.19
N ASP A 147 -9.00 4.35 -28.22
CA ASP A 147 -8.64 3.23 -29.08
C ASP A 147 -7.68 2.39 -28.30
N PRO A 148 -7.99 1.08 -28.07
CA PRO A 148 -7.10 0.25 -27.26
C PRO A 148 -5.76 0.02 -27.98
N LEU A 149 -5.67 0.20 -29.30
CA LEU A 149 -4.40 0.02 -29.99
C LEU A 149 -3.56 1.26 -30.18
N ARG A 150 -3.99 2.42 -29.66
CA ARG A 150 -3.19 3.63 -29.76
C ARG A 150 -3.15 4.32 -28.40
N ASN A 151 -2.95 3.50 -27.34
CA ASN A 151 -2.99 3.95 -26.03
C ASN A 151 -1.59 3.98 -25.36
N LEU A 152 -1.52 4.63 -24.20
CA LEU A 152 -0.50 4.38 -23.20
C LEU A 152 -1.19 3.64 -22.00
N SER A 153 -1.46 2.35 -22.21
CA SER A 153 -2.29 1.64 -21.22
C SER A 153 -1.67 1.66 -19.84
N GLY A 154 -0.33 1.67 -19.79
CA GLY A 154 0.38 1.63 -18.52
C GLY A 154 0.45 2.96 -17.79
N GLN A 155 0.11 4.05 -18.47
CA GLN A 155 0.07 5.35 -17.79
C GLN A 155 -0.88 5.34 -16.64
N ALA A 156 -0.44 5.94 -15.50
CA ALA A 156 -1.20 6.07 -14.33
C ALA A 156 -0.80 7.29 -13.56
N VAL A 157 -1.63 7.67 -12.61
CA VAL A 157 -1.34 8.80 -11.76
C VAL A 157 -1.50 8.43 -10.26
N THR A 158 -0.88 9.25 -9.39
CA THR A 158 -0.98 9.04 -7.94
C THR A 158 -1.49 10.32 -7.35
N ARG A 159 -2.51 10.16 -6.53
CA ARG A 159 -3.17 11.29 -5.85
C ARG A 159 -3.00 11.13 -4.35
N VAL A 160 -1.83 11.55 -3.87
CA VAL A 160 -1.47 11.56 -2.45
C VAL A 160 -0.49 12.72 -2.29
N VAL A 161 -0.45 13.32 -1.09
CA VAL A 161 0.52 14.41 -0.83
C VAL A 161 1.95 13.87 -0.98
N GLY A 162 2.69 14.55 -1.79
CA GLY A 162 4.01 14.14 -2.23
C GLY A 162 4.04 13.52 -3.58
N GLY A 163 2.85 13.24 -4.09
CA GLY A 163 2.74 12.66 -5.40
C GLY A 163 3.55 11.39 -5.58
N MET A 164 4.03 11.22 -6.79
CA MET A 164 4.74 9.99 -7.08
C MET A 164 6.07 9.87 -6.33
N SER A 165 6.54 10.96 -5.74
CA SER A 165 7.76 10.90 -4.90
C SER A 165 7.61 10.14 -3.54
N THR A 166 6.40 9.74 -3.21
CA THR A 166 6.21 8.85 -2.08
C THR A 166 6.57 7.43 -2.42
N ALA A 167 6.78 7.16 -3.71
CA ALA A 167 6.98 5.75 -4.13
C ALA A 167 8.16 5.53 -5.11
N TRP A 168 8.71 6.57 -5.67
CA TRP A 168 9.72 6.51 -6.78
C TRP A 168 11.04 5.85 -6.40
N THR A 169 11.79 5.52 -7.43
CA THR A 169 13.10 4.89 -7.22
C THR A 169 14.30 5.81 -7.12
N CYS A 170 14.06 7.12 -7.03
CA CYS A 170 15.08 8.05 -6.62
C CYS A 170 16.30 8.23 -7.54
N ALA A 171 16.19 7.73 -8.78
CA ALA A 171 17.23 7.90 -9.79
C ALA A 171 17.19 9.36 -10.35
N THR A 172 18.31 10.08 -10.20
CA THR A 172 18.37 11.50 -10.59
C THR A 172 19.64 11.75 -11.42
N PRO A 173 19.69 11.16 -12.63
CA PRO A 173 20.77 11.49 -13.53
C PRO A 173 20.51 12.88 -14.21
N ARG A 174 21.60 13.50 -14.61
CA ARG A 174 21.60 14.66 -15.53
C ARG A 174 21.42 14.19 -16.94
N PHE A 175 20.73 14.99 -17.75
CA PHE A 175 20.66 14.71 -19.18
C PHE A 175 21.93 15.30 -19.81
N ASP A 176 22.52 14.62 -20.81
CA ASP A 176 23.59 15.16 -21.55
C ASP A 176 23.00 16.09 -22.61
N ARG A 177 23.85 16.79 -23.34
CA ARG A 177 23.33 17.78 -24.33
C ARG A 177 22.32 17.20 -25.29
N GLU A 178 22.61 16.01 -25.81
CA GLU A 178 21.70 15.38 -26.78
C GLU A 178 20.23 15.20 -26.35
N GLN A 179 20.02 15.04 -25.05
CA GLN A 179 18.69 14.83 -24.50
C GLN A 179 18.06 16.11 -23.87
N ARG A 180 18.86 17.17 -23.72
CA ARG A 180 18.54 18.35 -22.83
C ARG A 180 17.97 19.52 -23.65
N PRO A 181 16.81 20.09 -23.24
CA PRO A 181 16.25 21.33 -23.79
C PRO A 181 17.30 22.45 -23.75
N LEU A 182 17.30 23.34 -24.75
CA LEU A 182 18.25 24.44 -24.74
C LEU A 182 17.67 25.52 -23.78
N LEU A 183 18.51 26.13 -22.94
CA LEU A 183 18.11 27.35 -22.13
C LEU A 183 18.70 28.62 -22.73
N VAL A 184 19.79 28.45 -23.42
CA VAL A 184 20.39 29.53 -24.17
C VAL A 184 20.52 29.15 -25.59
N LYS A 185 20.09 30.03 -26.51
CA LYS A 185 20.24 29.66 -27.93
C LYS A 185 21.60 30.13 -28.47
N ASP A 186 22.23 29.28 -29.25
CA ASP A 186 23.43 29.66 -29.96
C ASP A 186 24.67 30.02 -29.08
N ASP A 187 24.80 29.43 -27.90
CA ASP A 187 26.01 29.54 -27.12
C ASP A 187 26.04 28.36 -26.17
N ALA A 188 26.71 27.31 -26.66
CA ALA A 188 26.80 26.04 -26.00
C ALA A 188 27.46 26.16 -24.64
N ASP A 189 28.47 27.03 -24.48
CA ASP A 189 29.15 27.19 -23.18
C ASP A 189 28.23 27.83 -22.10
N ALA A 190 27.48 28.83 -22.53
CA ALA A 190 26.57 29.52 -21.65
C ALA A 190 25.35 28.60 -21.27
N ASP A 191 24.88 27.76 -22.23
CA ASP A 191 23.82 26.84 -21.98
C ASP A 191 24.34 25.82 -20.95
N ASP A 192 25.59 25.31 -21.18
CA ASP A 192 26.16 24.34 -20.23
C ASP A 192 26.22 24.95 -18.85
N ALA A 193 26.68 26.21 -18.75
CA ALA A 193 26.89 26.82 -17.41
C ALA A 193 25.59 26.98 -16.70
N GLU A 194 24.53 27.36 -17.43
CA GLU A 194 23.18 27.50 -16.86
C GLU A 194 22.63 26.16 -16.32
N TRP A 195 22.70 25.13 -17.15
CA TRP A 195 22.35 23.83 -16.71
C TRP A 195 23.22 23.31 -15.55
N ASP A 196 24.53 23.50 -15.60
CA ASP A 196 25.32 23.00 -14.51
C ASP A 196 24.91 23.64 -13.18
N ARG A 197 24.65 24.94 -13.20
CA ARG A 197 24.20 25.57 -11.94
C ARG A 197 22.86 25.06 -11.41
N LEU A 198 21.90 24.91 -12.33
CA LEU A 198 20.56 24.49 -11.97
C LEU A 198 20.57 23.05 -11.49
N TYR A 199 21.28 22.17 -12.20
CA TYR A 199 21.33 20.80 -11.77
C TYR A 199 22.02 20.63 -10.40
N THR A 200 23.03 21.46 -10.16
CA THR A 200 23.81 21.33 -8.95
C THR A 200 22.86 21.71 -7.78
N LYS A 201 21.99 22.69 -8.04
CA LYS A 201 21.10 23.12 -6.98
C LYS A 201 19.98 22.05 -6.77
N ALA A 202 19.49 21.49 -7.88
CA ALA A 202 18.43 20.48 -7.83
C ALA A 202 18.99 19.25 -7.05
N GLU A 203 20.25 18.89 -7.35
CA GLU A 203 20.87 17.81 -6.64
C GLU A 203 21.01 18.06 -5.14
N SER A 204 21.22 19.32 -4.74
CA SER A 204 21.21 19.66 -3.33
C SER A 204 19.84 19.47 -2.76
N TYR A 205 18.82 19.96 -3.43
CA TYR A 205 17.50 19.79 -2.94
C TYR A 205 17.04 18.33 -2.76
N PHE A 206 17.38 17.44 -3.72
CA PHE A 206 17.06 16.07 -3.60
C PHE A 206 18.05 15.23 -2.77
N GLN A 207 19.19 15.82 -2.38
CA GLN A 207 20.26 15.13 -1.66
C GLN A 207 20.80 13.96 -2.51
N THR A 208 20.98 14.26 -3.79
CA THR A 208 21.56 13.27 -4.70
C THR A 208 22.97 12.94 -4.32
N GLY A 209 23.31 11.65 -4.41
CA GLY A 209 24.67 11.16 -4.15
C GLY A 209 24.99 9.95 -5.01
N THR A 210 26.30 9.56 -5.09
CA THR A 210 26.76 8.44 -5.91
C THR A 210 27.62 7.41 -5.18
N ASP A 211 27.51 7.43 -3.85
CA ASP A 211 28.35 6.64 -2.96
C ASP A 211 27.62 5.75 -1.98
N GLN A 212 26.28 5.82 -1.89
CA GLN A 212 25.55 5.23 -0.82
C GLN A 212 25.62 3.69 -0.89
N PHE A 213 26.01 3.15 -2.03
CA PHE A 213 26.05 1.71 -2.23
C PHE A 213 27.46 1.12 -2.43
N LYS A 214 28.48 1.85 -2.07
CA LYS A 214 29.86 1.43 -2.35
C LYS A 214 30.31 0.19 -1.60
N GLU A 215 29.70 -0.11 -0.46
CA GLU A 215 30.09 -1.25 0.34
C GLU A 215 29.31 -2.53 0.01
N SER A 216 28.57 -2.51 -1.09
CA SER A 216 27.80 -3.67 -1.52
C SER A 216 28.67 -4.57 -2.40
N ILE A 217 28.77 -5.80 -1.95
CA ILE A 217 29.51 -6.82 -2.69
C ILE A 217 28.80 -7.03 -4.06
N ARG A 218 27.49 -7.16 -4.08
CA ARG A 218 26.72 -7.36 -5.35
C ARG A 218 26.91 -6.21 -6.32
N HIS A 219 26.81 -4.99 -5.81
CA HIS A 219 27.03 -3.81 -6.58
C HIS A 219 28.37 -3.90 -7.32
N ASN A 220 29.42 -4.05 -6.56
CA ASN A 220 30.79 -4.09 -7.07
C ASN A 220 30.97 -5.26 -8.03
N LEU A 221 30.49 -6.45 -7.64
CA LEU A 221 30.56 -7.56 -8.57
C LEU A 221 30.04 -7.24 -9.99
N VAL A 222 28.87 -6.64 -10.04
CA VAL A 222 28.22 -6.33 -11.27
C VAL A 222 28.98 -5.15 -11.93
N LEU A 223 29.28 -4.10 -11.20
CA LEU A 223 29.87 -2.94 -11.88
C LEU A 223 31.25 -3.25 -12.44
N ASN A 224 32.07 -3.93 -11.63
CA ASN A 224 33.44 -4.27 -12.05
C ASN A 224 33.48 -5.19 -13.26
N LYS A 225 32.58 -6.19 -13.32
CA LYS A 225 32.54 -7.13 -14.45
C LYS A 225 32.15 -6.37 -15.78
N LEU A 226 31.14 -5.50 -15.71
CA LEU A 226 30.72 -4.71 -16.86
C LEU A 226 31.79 -3.79 -17.37
N THR A 227 32.42 -3.05 -16.45
CA THR A 227 33.57 -2.22 -16.87
C THR A 227 34.64 -3.01 -17.53
N GLU A 228 34.99 -4.19 -17.04
CA GLU A 228 36.03 -5.00 -17.66
C GLU A 228 35.58 -5.39 -19.07
N GLU A 229 34.35 -5.84 -19.17
CA GLU A 229 33.86 -6.44 -20.43
C GLU A 229 33.81 -5.40 -21.55
N TYR A 230 33.51 -4.13 -21.25
CA TYR A 230 33.35 -3.13 -22.31
C TYR A 230 34.67 -2.50 -22.74
N LYS A 231 35.75 -2.88 -22.07
CA LYS A 231 37.07 -2.61 -22.55
C LYS A 231 37.26 -1.17 -22.92
N GLY A 232 36.69 -0.27 -22.12
CA GLY A 232 36.81 1.16 -22.29
C GLY A 232 35.71 1.85 -23.12
N GLN A 233 34.92 1.07 -23.83
CA GLN A 233 33.97 1.63 -24.81
C GLN A 233 32.77 2.24 -24.08
N ARG A 234 32.54 1.88 -22.79
CA ARG A 234 31.44 2.49 -22.03
C ARG A 234 31.85 2.69 -20.56
N ASP A 235 31.26 3.68 -19.92
CA ASP A 235 31.51 4.04 -18.58
C ASP A 235 30.39 3.50 -17.65
N PHE A 236 30.75 2.82 -16.56
CA PHE A 236 29.73 2.42 -15.57
C PHE A 236 29.98 3.18 -14.26
N GLN A 237 28.90 3.51 -13.56
CA GLN A 237 29.01 4.13 -12.29
C GLN A 237 27.80 3.78 -11.42
N GLN A 238 27.76 4.24 -10.18
CA GLN A 238 26.55 4.10 -9.36
C GLN A 238 25.47 5.02 -9.95
N ILE A 239 24.26 4.50 -9.99
CA ILE A 239 23.09 5.32 -10.32
C ILE A 239 23.16 6.49 -9.38
N PRO A 240 23.08 7.76 -9.89
CA PRO A 240 22.90 8.85 -8.94
C PRO A 240 21.57 8.77 -8.29
N LEU A 241 21.55 8.73 -6.95
CA LEU A 241 20.30 8.44 -6.20
C LEU A 241 20.06 9.53 -5.20
N ALA A 242 18.79 9.94 -5.11
CA ALA A 242 18.35 10.96 -4.15
C ALA A 242 18.11 10.22 -2.83
N ALA A 243 19.16 10.11 -2.00
CA ALA A 243 19.07 9.28 -0.81
C ALA A 243 20.23 9.57 0.09
N THR A 244 20.03 9.28 1.38
CA THR A 244 21.13 9.34 2.32
C THR A 244 21.15 8.08 3.18
N ARG A 245 22.27 7.40 3.21
CA ARG A 245 22.40 6.19 4.03
C ARG A 245 22.44 6.55 5.51
N ARG A 246 21.63 5.83 6.31
CA ARG A 246 21.66 6.04 7.74
C ARG A 246 22.43 4.97 8.47
N SER A 247 22.43 3.79 7.90
CA SER A 247 23.19 2.69 8.46
C SER A 247 23.39 1.64 7.41
N PRO A 248 24.09 0.56 7.77
CA PRO A 248 24.37 -0.46 6.80
C PRO A 248 23.14 -1.12 6.24
N THR A 249 22.00 -1.01 6.94
CA THR A 249 20.79 -1.65 6.49
C THR A 249 19.66 -0.64 6.32
N PHE A 250 19.94 0.66 6.43
CA PHE A 250 18.81 1.65 6.31
C PHE A 250 19.21 2.81 5.43
N VAL A 251 18.44 3.04 4.37
CA VAL A 251 18.64 4.22 3.53
C VAL A 251 17.45 5.12 3.62
N GLU A 252 17.66 6.43 3.92
CA GLU A 252 16.57 7.41 3.86
C GLU A 252 16.37 7.92 2.42
N TRP A 253 15.48 7.31 1.65
CA TRP A 253 15.20 7.72 0.30
C TRP A 253 14.57 9.13 0.32
N SER A 254 14.96 9.95 -0.62
CA SER A 254 14.41 11.35 -0.75
C SER A 254 13.01 11.32 -1.34
N SER A 255 12.33 12.48 -1.25
CA SER A 255 10.96 12.64 -1.69
C SER A 255 10.68 14.10 -1.69
N ALA A 256 9.45 14.45 -1.98
CA ALA A 256 9.03 15.83 -1.87
C ALA A 256 9.35 16.41 -0.53
N ASN A 257 9.19 15.59 0.52
CA ASN A 257 9.45 16.04 1.88
C ASN A 257 10.90 16.57 2.02
N THR A 258 11.84 15.93 1.31
CA THR A 258 13.24 16.28 1.43
C THR A 258 13.46 17.74 0.83
N VAL A 259 12.72 18.02 -0.21
CA VAL A 259 12.70 19.29 -0.91
C VAL A 259 12.09 20.35 -0.04
N PHE A 260 10.90 20.07 0.49
CA PHE A 260 10.20 21.01 1.32
C PHE A 260 9.33 20.22 2.30
N ASP A 261 9.41 20.54 3.61
CA ASP A 261 8.88 19.62 4.62
C ASP A 261 7.34 19.74 4.71
N LEU A 262 6.78 20.67 3.95
CA LEU A 262 5.30 20.80 3.83
C LEU A 262 4.55 21.10 5.16
N GLN A 263 5.30 21.46 6.20
CA GLN A 263 4.73 22.00 7.39
C GLN A 263 4.17 23.41 7.20
N ASN A 264 2.98 23.63 7.75
CA ASN A 264 2.47 24.99 7.76
C ASN A 264 3.37 25.95 8.51
N ARG A 265 3.47 27.14 7.95
CA ARG A 265 4.29 28.24 8.46
C ARG A 265 3.52 29.50 8.52
N PRO A 266 3.84 30.37 9.48
CA PRO A 266 4.94 30.35 10.44
C PRO A 266 4.86 29.26 11.45
N ASN A 267 6.03 28.76 11.82
CA ASN A 267 6.16 27.81 12.90
C ASN A 267 7.47 28.13 13.61
N THR A 268 7.79 27.32 14.61
CA THR A 268 8.88 27.62 15.51
C THR A 268 10.19 27.61 14.74
N ASP A 269 10.30 26.70 13.79
CA ASP A 269 11.52 26.63 12.99
C ASP A 269 11.59 27.71 11.93
N ALA A 270 10.46 28.27 11.57
CA ALA A 270 10.46 29.25 10.48
C ALA A 270 9.44 30.34 10.79
N PRO A 271 9.74 31.24 11.75
CA PRO A 271 8.72 32.11 12.30
C PRO A 271 8.36 33.22 11.36
N GLU A 272 9.13 33.43 10.31
CA GLU A 272 8.84 34.54 9.37
C GLU A 272 8.42 34.04 7.98
N GLU A 273 8.15 32.74 7.86
CA GLU A 273 7.71 32.20 6.56
C GLU A 273 6.22 31.97 6.64
N ARG A 274 5.59 31.87 5.49
CA ARG A 274 4.11 31.78 5.36
C ARG A 274 3.79 30.70 4.35
N PHE A 275 3.22 29.59 4.81
CA PHE A 275 2.91 28.45 3.91
C PHE A 275 1.74 27.71 4.48
N ASN A 276 0.75 27.46 3.67
CA ASN A 276 -0.33 26.56 4.04
C ASN A 276 -0.54 25.47 3.03
N LEU A 277 -0.68 24.21 3.45
CA LEU A 277 -1.00 23.10 2.52
C LEU A 277 -2.42 22.67 2.76
N PHE A 278 -3.21 22.56 1.68
CA PHE A 278 -4.61 22.13 1.75
C PHE A 278 -4.77 20.85 0.97
N PRO A 279 -4.72 19.71 1.68
CA PRO A 279 -5.03 18.47 1.02
C PRO A 279 -6.55 18.24 0.78
N ALA A 280 -6.82 17.22 -0.03
CA ALA A 280 -8.20 16.84 -0.38
C ALA A 280 -8.95 18.04 -1.03
N VAL A 281 -8.25 18.74 -1.93
CA VAL A 281 -8.75 19.89 -2.70
C VAL A 281 -8.43 19.67 -4.18
N ALA A 282 -9.48 19.42 -4.93
CA ALA A 282 -9.43 19.14 -6.37
C ALA A 282 -9.43 20.54 -6.98
N CYS A 283 -8.35 20.88 -7.69
CA CYS A 283 -8.19 22.16 -8.39
C CYS A 283 -8.77 22.00 -9.81
N GLU A 284 -9.73 22.83 -10.24
CA GLU A 284 -10.50 22.44 -11.42
C GLU A 284 -10.27 23.39 -12.60
N ARG A 285 -10.02 24.66 -12.30
CA ARG A 285 -9.91 25.65 -13.46
C ARG A 285 -9.10 26.85 -12.98
N VAL A 286 -8.34 27.44 -13.90
CA VAL A 286 -7.82 28.76 -13.74
C VAL A 286 -8.60 29.72 -14.68
N VAL A 287 -8.98 30.91 -14.15
CA VAL A 287 -9.83 31.77 -14.91
C VAL A 287 -8.96 32.76 -15.65
N ARG A 288 -9.13 32.81 -16.95
CA ARG A 288 -8.41 33.79 -17.79
C ARG A 288 -9.15 35.10 -17.87
N ASN A 289 -8.45 36.20 -17.82
CA ASN A 289 -9.01 37.47 -18.28
C ASN A 289 -9.29 37.43 -19.80
N ALA A 290 -10.05 38.42 -20.30
CA ALA A 290 -10.51 38.44 -21.71
C ALA A 290 -9.32 38.63 -22.62
N LEU A 291 -8.27 39.35 -22.16
CA LEU A 291 -7.07 39.54 -22.97
C LEU A 291 -6.28 38.30 -23.11
N ASN A 292 -6.52 37.28 -22.29
CA ASN A 292 -5.62 36.15 -22.26
C ASN A 292 -4.21 36.62 -21.91
N SER A 293 -4.12 37.52 -20.91
CA SER A 293 -2.80 37.98 -20.41
C SER A 293 -2.58 37.74 -18.94
N GLU A 294 -3.58 37.25 -18.24
CA GLU A 294 -3.46 37.05 -16.81
C GLU A 294 -4.49 36.03 -16.33
N ILE A 295 -4.11 35.28 -15.30
CA ILE A 295 -5.06 34.43 -14.57
C ILE A 295 -5.57 35.22 -13.34
N GLU A 296 -6.87 35.16 -13.16
CA GLU A 296 -7.59 35.96 -12.17
C GLU A 296 -8.02 35.16 -10.97
N SER A 297 -8.10 33.84 -11.07
CA SER A 297 -8.48 33.02 -9.91
C SER A 297 -8.23 31.57 -10.19
N LEU A 298 -8.21 30.82 -9.11
CA LEU A 298 -8.24 29.38 -9.17
C LEU A 298 -9.50 28.83 -8.54
N HIS A 299 -10.23 28.02 -9.31
CA HIS A 299 -11.46 27.43 -8.83
C HIS A 299 -11.16 26.03 -8.27
N ILE A 300 -11.61 25.83 -7.04
CA ILE A 300 -11.33 24.54 -6.35
C ILE A 300 -12.60 23.92 -5.82
N HIS A 301 -12.51 22.63 -5.55
CA HIS A 301 -13.54 21.80 -4.98
C HIS A 301 -12.95 21.13 -3.73
N ASP A 302 -13.39 21.57 -2.54
CA ASP A 302 -13.05 20.94 -1.29
C ASP A 302 -13.76 19.57 -1.16
N LEU A 303 -12.97 18.52 -1.18
CA LEU A 303 -13.59 17.17 -1.28
C LEU A 303 -14.21 16.70 0.00
N ILE A 304 -13.82 17.26 1.11
CA ILE A 304 -14.32 16.77 2.40
C ILE A 304 -15.69 17.41 2.67
N SER A 305 -15.78 18.72 2.53
CA SER A 305 -17.05 19.42 2.67
C SER A 305 -17.97 19.36 1.44
N GLY A 306 -17.39 19.21 0.25
CA GLY A 306 -18.10 19.17 -1.00
C GLY A 306 -18.24 20.56 -1.63
N ASP A 307 -17.84 21.59 -0.92
CA ASP A 307 -18.06 22.94 -1.44
C ASP A 307 -16.97 23.37 -2.44
N ARG A 308 -17.35 24.34 -3.28
CA ARG A 308 -16.53 24.93 -4.31
C ARG A 308 -16.27 26.36 -3.96
N PHE A 309 -15.02 26.79 -4.15
CA PHE A 309 -14.54 28.13 -3.78
C PHE A 309 -13.59 28.65 -4.84
N GLU A 310 -13.33 29.94 -4.83
CA GLU A 310 -12.22 30.38 -5.60
C GLU A 310 -11.13 31.00 -4.74
N ILE A 311 -9.96 30.94 -5.28
CA ILE A 311 -8.75 31.37 -4.56
C ILE A 311 -8.04 32.40 -5.45
N LYS A 312 -7.69 33.57 -4.88
CA LYS A 312 -7.01 34.66 -5.59
C LYS A 312 -5.51 34.60 -5.19
N ALA A 313 -4.63 34.78 -6.18
CA ALA A 313 -3.16 34.86 -5.93
C ALA A 313 -2.60 35.88 -6.86
N ASP A 314 -1.37 36.35 -6.61
CA ASP A 314 -0.66 37.14 -7.66
C ASP A 314 -0.10 36.20 -8.72
N VAL A 315 0.38 35.03 -8.31
CA VAL A 315 1.08 34.09 -9.16
C VAL A 315 0.46 32.71 -9.04
N TYR A 316 0.20 32.02 -10.20
CA TYR A 316 -0.35 30.70 -10.22
C TYR A 316 0.61 29.71 -10.84
N VAL A 317 0.83 28.60 -10.17
CA VAL A 317 1.79 27.59 -10.54
C VAL A 317 1.10 26.23 -10.56
N LEU A 318 1.13 25.61 -11.74
CA LEU A 318 0.52 24.32 -11.92
C LEU A 318 1.64 23.22 -11.93
N THR A 319 1.60 22.29 -10.97
CA THR A 319 2.58 21.24 -10.85
C THR A 319 1.80 19.96 -10.46
N ALA A 320 0.79 19.65 -11.30
CA ALA A 320 -0.12 18.51 -11.01
C ALA A 320 0.21 17.25 -11.78
N GLY A 321 1.39 17.23 -12.40
CA GLY A 321 1.79 16.12 -13.23
C GLY A 321 1.57 16.40 -14.69
N ALA A 322 2.24 15.61 -15.50
CA ALA A 322 2.14 15.79 -16.95
C ALA A 322 0.70 15.58 -17.49
N VAL A 323 -0.06 14.65 -16.97
CA VAL A 323 -1.44 14.43 -17.41
C VAL A 323 -2.35 15.56 -16.88
N HIS A 324 -2.29 15.77 -15.53
CA HIS A 324 -3.31 16.64 -14.88
C HIS A 324 -3.03 18.10 -15.05
N ASN A 325 -1.78 18.50 -15.22
CA ASN A 325 -1.60 19.94 -15.67
C ASN A 325 -2.39 20.19 -17.03
N THR A 326 -2.29 19.26 -17.98
CA THR A 326 -2.87 19.39 -19.25
C THR A 326 -4.40 19.40 -19.08
N GLN A 327 -4.89 18.51 -18.19
CA GLN A 327 -6.35 18.43 -17.98
C GLN A 327 -6.85 19.77 -17.44
N LEU A 328 -6.16 20.33 -16.45
CA LEU A 328 -6.63 21.57 -15.78
C LEU A 328 -6.62 22.71 -16.83
N LEU A 329 -5.62 22.73 -17.68
CA LEU A 329 -5.50 23.78 -18.71
C LEU A 329 -6.61 23.66 -19.73
N VAL A 330 -6.86 22.42 -20.18
CA VAL A 330 -7.91 22.21 -21.19
C VAL A 330 -9.31 22.59 -20.58
N ASN A 331 -9.50 22.23 -19.30
CA ASN A 331 -10.77 22.54 -18.60
C ASN A 331 -10.94 24.03 -18.37
N SER A 332 -9.84 24.79 -18.54
CA SER A 332 -9.78 26.24 -18.45
C SER A 332 -9.84 27.02 -19.76
N GLY A 333 -10.04 26.34 -20.87
CA GLY A 333 -10.11 26.97 -22.18
C GLY A 333 -8.82 27.14 -22.96
N PHE A 334 -7.77 26.47 -22.50
CA PHE A 334 -6.56 26.38 -23.28
C PHE A 334 -6.63 25.18 -24.21
N GLY A 335 -5.95 25.25 -25.34
CA GLY A 335 -5.99 24.13 -26.26
C GLY A 335 -7.40 23.91 -26.73
N GLN A 336 -7.71 22.64 -26.98
CA GLN A 336 -9.01 22.24 -27.57
C GLN A 336 -9.58 21.11 -26.71
N LEU A 337 -10.82 21.23 -26.24
CA LEU A 337 -11.56 20.10 -25.67
C LEU A 337 -12.09 19.14 -26.72
N GLY A 338 -12.13 17.84 -26.42
CA GLY A 338 -12.68 16.92 -27.34
C GLY A 338 -11.72 16.34 -28.32
N ARG A 339 -12.27 15.47 -29.18
CA ARG A 339 -11.48 14.74 -30.15
C ARG A 339 -10.82 15.70 -31.10
N PRO A 340 -9.53 15.57 -31.29
CA PRO A 340 -8.86 16.59 -32.12
C PRO A 340 -9.48 16.75 -33.48
N ASN A 341 -9.63 18.00 -33.86
CA ASN A 341 -10.34 18.40 -35.05
C ASN A 341 -9.54 19.49 -35.72
N PRO A 342 -8.65 19.12 -36.65
CA PRO A 342 -7.70 20.02 -37.32
C PRO A 342 -8.35 21.14 -38.13
N ALA A 343 -9.62 20.98 -38.47
CA ALA A 343 -10.31 21.95 -39.30
C ALA A 343 -10.64 23.17 -38.48
N ASN A 344 -10.59 23.03 -37.16
CA ASN A 344 -10.89 24.11 -36.26
C ASN A 344 -9.80 24.09 -35.17
N PRO A 345 -8.58 24.53 -35.51
CA PRO A 345 -7.40 24.52 -34.63
C PRO A 345 -7.61 25.53 -33.50
N PRO A 346 -7.16 25.20 -32.26
CA PRO A 346 -7.42 26.06 -31.11
C PRO A 346 -6.70 27.33 -31.25
N GLU A 347 -7.28 28.38 -30.73
CA GLU A 347 -6.60 29.63 -30.86
C GLU A 347 -5.64 29.91 -29.67
N LEU A 348 -5.88 29.28 -28.51
CA LEU A 348 -4.92 29.41 -27.43
C LEU A 348 -4.09 28.14 -27.22
N LEU A 349 -2.77 28.31 -27.12
CA LEU A 349 -1.87 27.18 -26.90
C LEU A 349 -2.18 25.99 -27.79
N PRO A 350 -2.06 26.18 -29.07
CA PRO A 350 -2.39 25.09 -29.95
C PRO A 350 -1.53 23.87 -29.85
N SER A 351 -0.28 23.96 -29.36
CA SER A 351 0.59 22.79 -29.17
C SER A 351 0.31 22.00 -27.85
N LEU A 352 -0.57 22.54 -26.98
CA LEU A 352 -0.89 21.86 -25.76
C LEU A 352 -1.42 20.47 -26.05
N GLY A 353 -0.82 19.50 -25.41
CA GLY A 353 -1.29 18.09 -25.55
C GLY A 353 -0.75 17.40 -26.80
N SER A 354 -0.02 18.11 -27.69
CA SER A 354 0.61 17.48 -28.82
C SER A 354 2.09 17.32 -28.57
N TYR A 355 2.75 16.53 -29.41
CA TYR A 355 4.20 16.21 -29.28
C TYR A 355 4.52 15.45 -27.98
N ILE A 356 3.56 14.68 -27.49
CA ILE A 356 3.75 13.96 -26.23
C ILE A 356 4.81 12.86 -26.49
N THR A 357 5.66 12.66 -25.51
CA THR A 357 6.66 11.63 -25.51
C THR A 357 6.50 10.70 -24.32
N GLU A 358 6.68 9.40 -24.54
CA GLU A 358 6.83 8.45 -23.43
C GLU A 358 7.92 7.48 -23.88
N GLN A 359 8.73 7.09 -22.92
CA GLN A 359 9.90 6.24 -23.21
C GLN A 359 9.47 4.82 -23.47
N SER A 360 10.11 4.17 -24.45
CA SER A 360 10.08 2.68 -24.46
C SER A 360 10.88 2.11 -23.28
N LEU A 361 10.39 1.04 -22.67
CA LEU A 361 10.99 0.45 -21.54
C LEU A 361 11.10 -1.09 -21.79
N VAL A 362 12.31 -1.61 -21.63
CA VAL A 362 12.54 -3.05 -21.60
C VAL A 362 13.06 -3.49 -20.26
N PHE A 363 12.71 -4.71 -19.86
CA PHE A 363 12.97 -5.19 -18.54
C PHE A 363 13.31 -6.69 -18.59
N CYS A 364 14.28 -7.09 -17.80
CA CYS A 364 14.49 -8.53 -17.48
C CYS A 364 15.11 -8.63 -16.11
N GLN A 365 15.16 -9.83 -15.53
CA GLN A 365 16.06 -10.07 -14.45
C GLN A 365 17.05 -11.19 -14.81
N THR A 366 18.23 -11.15 -14.19
CA THR A 366 19.22 -12.22 -14.36
C THR A 366 19.55 -12.96 -13.02
N VAL A 367 20.12 -14.15 -13.15
CA VAL A 367 20.66 -14.89 -12.04
C VAL A 367 22.16 -14.96 -12.16
N MET A 368 22.87 -14.50 -11.15
CA MET A 368 24.34 -14.26 -11.23
C MET A 368 25.10 -15.49 -11.68
N SER A 369 26.09 -15.29 -12.55
CA SER A 369 26.86 -16.39 -13.07
C SER A 369 27.69 -17.11 -11.96
N THR A 370 27.88 -18.38 -12.18
CA THR A 370 28.73 -19.22 -11.36
C THR A 370 30.16 -18.59 -11.27
N GLU A 371 30.66 -18.08 -12.41
CA GLU A 371 31.96 -17.37 -12.41
C GLU A 371 32.04 -16.22 -11.47
N LEU A 372 30.98 -15.39 -11.46
CA LEU A 372 30.98 -14.22 -10.64
C LEU A 372 30.88 -14.63 -9.17
N ILE A 373 30.02 -15.56 -8.85
CA ILE A 373 29.90 -16.04 -7.45
C ILE A 373 31.23 -16.61 -6.95
N ASP A 374 31.90 -17.42 -7.72
CA ASP A 374 33.19 -17.95 -7.32
C ASP A 374 34.22 -16.84 -7.15
N SER A 375 34.15 -15.80 -7.99
CA SER A 375 35.05 -14.63 -7.83
C SER A 375 34.96 -13.94 -6.43
N VAL A 376 33.80 -13.91 -5.83
CA VAL A 376 33.63 -13.28 -4.52
C VAL A 376 34.64 -13.86 -3.49
N LYS A 377 34.93 -15.17 -3.58
CA LYS A 377 35.74 -15.85 -2.59
C LYS A 377 37.14 -16.18 -3.14
N SER A 378 37.55 -15.46 -4.20
CA SER A 378 38.78 -15.79 -4.87
C SER A 378 40.03 -15.62 -3.97
N ASP A 379 39.99 -14.79 -2.89
CA ASP A 379 41.17 -14.55 -2.06
C ASP A 379 41.24 -15.58 -0.88
N MET A 380 40.21 -16.40 -0.75
CA MET A 380 40.11 -17.31 0.37
C MET A 380 40.89 -18.61 0.09
N THR A 381 41.51 -19.14 1.13
CA THR A 381 42.01 -20.51 1.19
C THR A 381 40.96 -21.30 1.96
N ILE A 382 40.36 -22.22 1.25
CA ILE A 382 39.27 -22.98 1.78
C ILE A 382 39.69 -24.45 1.91
N ARG A 383 39.60 -25.02 3.12
CA ARG A 383 39.92 -26.43 3.33
C ARG A 383 38.79 -27.19 4.04
N GLY A 384 38.51 -28.41 3.60
CA GLY A 384 37.51 -29.20 4.30
C GLY A 384 36.11 -29.04 3.75
N THR A 385 35.14 -29.64 4.41
CA THR A 385 33.78 -29.60 3.92
C THR A 385 32.92 -28.84 4.92
N PRO A 386 32.11 -27.92 4.38
CA PRO A 386 31.33 -27.08 5.27
C PRO A 386 30.56 -28.00 6.25
N GLY A 387 30.49 -27.57 7.49
CA GLY A 387 29.74 -28.29 8.54
C GLY A 387 30.55 -29.28 9.35
N GLU A 388 31.74 -29.61 8.88
CA GLU A 388 32.58 -30.54 9.53
C GLU A 388 33.68 -29.87 10.38
N LEU A 389 34.28 -30.69 11.23
CA LEU A 389 35.23 -30.23 12.28
C LEU A 389 36.41 -29.51 11.69
N THR A 390 36.82 -29.94 10.50
CA THR A 390 38.11 -29.57 9.94
C THR A 390 37.99 -28.42 8.97
N TYR A 391 36.78 -27.90 8.75
CA TYR A 391 36.58 -26.84 7.75
C TYR A 391 37.14 -25.56 8.20
N SER A 392 37.79 -24.85 7.26
CA SER A 392 38.27 -23.52 7.53
C SER A 392 38.34 -22.68 6.27
N VAL A 393 38.12 -21.38 6.47
CA VAL A 393 38.19 -20.35 5.41
C VAL A 393 39.08 -19.24 5.94
N THR A 394 40.18 -18.93 5.22
CA THR A 394 41.15 -17.93 5.66
C THR A 394 41.55 -17.04 4.47
N TYR A 395 42.01 -15.85 4.79
CA TYR A 395 42.67 -14.99 3.80
C TYR A 395 43.79 -14.27 4.55
N THR A 396 44.69 -13.67 3.78
CA THR A 396 45.79 -12.78 4.33
C THR A 396 45.41 -11.34 4.30
N PRO A 397 45.17 -10.70 5.43
CA PRO A 397 44.83 -9.27 5.40
C PRO A 397 45.94 -8.47 4.86
N GLY A 398 45.58 -7.53 3.98
CA GLY A 398 46.53 -6.58 3.39
C GLY A 398 47.40 -7.11 2.27
N ALA A 399 47.25 -8.37 1.86
CA ALA A 399 48.09 -8.87 0.80
C ALA A 399 47.88 -8.12 -0.51
N SER A 400 48.97 -7.67 -1.11
CA SER A 400 48.84 -6.89 -2.37
C SER A 400 48.33 -7.73 -3.50
N THR A 401 48.52 -9.04 -3.42
CA THR A 401 47.96 -9.88 -4.43
C THR A 401 46.43 -10.26 -4.27
N ASN A 402 45.79 -9.87 -3.16
CA ASN A 402 44.31 -10.08 -3.03
C ASN A 402 43.60 -9.25 -4.10
N LYS A 403 42.60 -9.86 -4.75
CA LYS A 403 41.66 -9.13 -5.61
C LYS A 403 40.82 -8.11 -4.84
N HIS A 404 40.50 -8.37 -3.56
CA HIS A 404 39.52 -7.60 -2.83
C HIS A 404 40.13 -6.95 -1.58
N PRO A 405 39.57 -5.82 -1.16
CA PRO A 405 40.03 -5.23 0.07
C PRO A 405 39.63 -6.00 1.33
N ASP A 406 40.21 -5.62 2.45
CA ASP A 406 39.98 -6.37 3.69
C ASP A 406 38.53 -6.41 4.12
N TRP A 407 37.81 -5.29 4.00
CA TRP A 407 36.42 -5.22 4.50
C TRP A 407 35.62 -6.30 3.76
N TRP A 408 35.90 -6.47 2.48
CA TRP A 408 35.19 -7.51 1.68
C TRP A 408 35.57 -8.93 2.15
N ASN A 409 36.87 -9.25 2.24
CA ASN A 409 37.23 -10.56 2.56
C ASN A 409 36.83 -10.90 3.97
N GLU A 410 36.82 -9.90 4.85
CA GLU A 410 36.34 -10.18 6.24
C GLU A 410 34.86 -10.57 6.24
N LYS A 411 34.03 -9.81 5.53
CA LYS A 411 32.60 -10.11 5.35
C LYS A 411 32.37 -11.52 4.82
N VAL A 412 33.15 -11.90 3.76
CA VAL A 412 33.02 -13.19 3.12
C VAL A 412 33.51 -14.29 4.02
N LYS A 413 34.70 -14.12 4.63
CA LYS A 413 35.12 -15.06 5.68
C LYS A 413 34.14 -15.31 6.79
N ASN A 414 33.67 -14.26 7.45
CA ASN A 414 32.71 -14.45 8.50
C ASN A 414 31.38 -15.04 8.03
N HIS A 415 30.89 -14.70 6.84
CA HIS A 415 29.66 -15.31 6.38
C HIS A 415 29.86 -16.83 6.21
N MET A 416 30.94 -17.16 5.48
CA MET A 416 31.25 -18.56 5.19
C MET A 416 31.51 -19.40 6.45
N MET A 417 32.20 -18.86 7.44
CA MET A 417 32.42 -19.58 8.74
C MET A 417 31.22 -19.64 9.69
N GLN A 418 30.46 -18.56 9.72
CA GLN A 418 29.33 -18.42 10.65
C GLN A 418 28.03 -19.07 10.14
N HIS A 419 27.97 -19.34 8.84
CA HIS A 419 26.81 -19.85 8.15
C HIS A 419 27.21 -20.94 7.19
N GLN A 420 27.74 -22.04 7.78
CA GLN A 420 28.22 -23.19 7.00
C GLN A 420 27.12 -23.95 6.25
N GLU A 421 25.90 -23.73 6.64
CA GLU A 421 24.78 -24.28 5.90
C GLU A 421 24.45 -23.54 4.61
N ASP A 422 24.98 -22.35 4.45
CA ASP A 422 24.69 -21.51 3.32
C ASP A 422 25.72 -21.67 2.18
N PRO A 423 25.23 -21.91 0.96
CA PRO A 423 26.18 -22.25 -0.13
C PRO A 423 26.74 -21.05 -0.87
N LEU A 424 26.34 -19.84 -0.49
CA LEU A 424 26.79 -18.65 -1.21
C LEU A 424 27.80 -17.85 -0.33
N PRO A 425 28.70 -17.12 -0.95
CA PRO A 425 29.73 -16.37 -0.19
C PRO A 425 29.30 -14.94 0.12
N ILE A 426 28.13 -14.54 -0.37
CA ILE A 426 27.59 -13.17 -0.16
C ILE A 426 26.84 -13.07 1.14
N PRO A 427 27.20 -12.09 1.99
CA PRO A 427 26.56 -11.90 3.27
C PRO A 427 25.03 -11.68 3.10
N PHE A 428 24.22 -12.17 4.03
CA PHE A 428 22.77 -12.09 3.91
C PHE A 428 22.22 -10.68 3.75
N GLU A 429 22.82 -9.72 4.42
CA GLU A 429 22.34 -8.37 4.41
C GLU A 429 23.08 -7.45 3.40
N ASP A 430 23.80 -8.02 2.48
CA ASP A 430 24.52 -7.22 1.48
C ASP A 430 23.57 -6.27 0.77
N PRO A 431 23.92 -4.99 0.71
CA PRO A 431 23.00 -4.07 -0.02
C PRO A 431 22.87 -4.35 -1.56
N GLU A 432 21.80 -3.81 -2.12
CA GLU A 432 21.45 -3.99 -3.50
C GLU A 432 22.47 -3.35 -4.49
N PRO A 433 22.64 -3.95 -5.67
CA PRO A 433 23.39 -3.29 -6.73
C PRO A 433 22.64 -2.03 -7.20
N GLN A 434 23.38 -1.02 -7.65
CA GLN A 434 22.82 0.26 -8.15
C GLN A 434 23.68 0.81 -9.33
N VAL A 435 23.71 0.11 -10.48
CA VAL A 435 24.66 0.38 -11.54
C VAL A 435 24.02 1.01 -12.72
N THR A 436 24.72 1.91 -13.40
CA THR A 436 24.26 2.43 -14.66
C THR A 436 25.39 2.71 -15.63
N THR A 437 25.08 2.63 -16.91
CA THR A 437 25.90 3.33 -17.92
C THR A 437 24.97 4.30 -18.56
N LEU A 438 25.30 5.59 -18.47
CA LEU A 438 24.42 6.61 -18.90
C LEU A 438 24.34 6.71 -20.41
N PHE A 439 23.20 7.20 -20.88
CA PHE A 439 22.96 7.50 -22.31
C PHE A 439 24.17 8.16 -22.95
N GLN A 440 24.48 7.68 -24.14
CA GLN A 440 25.45 8.28 -25.09
C GLN A 440 24.99 8.09 -26.52
N PRO A 441 25.50 8.93 -27.45
CA PRO A 441 25.07 8.83 -28.83
C PRO A 441 25.20 7.42 -29.39
N SER A 442 26.24 6.69 -29.02
CA SER A 442 26.42 5.31 -29.48
C SER A 442 25.55 4.23 -28.79
N HIS A 443 24.95 4.58 -27.65
CA HIS A 443 23.99 3.72 -26.97
C HIS A 443 22.93 4.72 -26.34
N PRO A 444 21.98 5.18 -27.16
CA PRO A 444 21.07 6.26 -26.83
C PRO A 444 19.83 5.77 -26.03
N TRP A 445 20.17 5.14 -24.93
CA TRP A 445 19.22 4.75 -23.94
C TRP A 445 19.82 4.89 -22.53
N HIS A 446 18.94 5.07 -21.56
CA HIS A 446 19.33 5.05 -20.14
C HIS A 446 19.22 3.62 -19.61
N THR A 447 20.07 3.29 -18.67
CA THR A 447 20.19 1.96 -18.10
C THR A 447 20.16 1.97 -16.58
N GLN A 448 19.52 0.96 -15.97
CA GLN A 448 19.62 0.78 -14.53
C GLN A 448 19.71 -0.71 -14.31
N ILE A 449 20.74 -1.12 -13.55
CA ILE A 449 21.08 -2.50 -13.39
C ILE A 449 21.19 -2.58 -11.85
N HIS A 450 20.13 -3.04 -11.23
CA HIS A 450 19.89 -2.72 -9.87
C HIS A 450 18.85 -3.64 -9.27
N ARG A 451 18.42 -3.37 -8.03
CA ARG A 451 17.28 -4.01 -7.47
C ARG A 451 16.54 -2.93 -6.75
N ASP A 452 15.30 -2.83 -7.09
CA ASP A 452 14.47 -1.90 -6.35
C ASP A 452 13.04 -2.29 -6.67
N ALA A 453 12.13 -1.57 -6.03
CA ALA A 453 10.71 -1.89 -6.08
C ALA A 453 10.05 -1.01 -7.14
N PHE A 454 9.34 -1.63 -8.10
CA PHE A 454 8.50 -0.81 -9.07
C PHE A 454 7.24 -1.59 -9.34
N SER A 455 6.23 -1.01 -9.99
CA SER A 455 4.92 -1.64 -9.95
C SER A 455 4.85 -2.99 -10.68
N TYR A 456 5.67 -3.10 -11.75
CA TYR A 456 5.82 -4.34 -12.57
C TYR A 456 6.93 -5.23 -12.10
N GLY A 457 7.52 -4.90 -10.94
CA GLY A 457 8.67 -5.62 -10.41
C GLY A 457 8.29 -7.07 -10.22
N ALA A 458 9.29 -7.92 -9.95
CA ALA A 458 9.05 -9.36 -9.87
C ALA A 458 9.47 -9.93 -8.53
N VAL A 459 8.71 -10.90 -8.06
CA VAL A 459 8.83 -11.45 -6.72
C VAL A 459 8.74 -12.97 -6.79
N GLN A 460 9.82 -13.66 -6.41
CA GLN A 460 9.78 -15.12 -6.47
C GLN A 460 10.64 -15.68 -5.31
N GLN A 461 10.51 -16.94 -4.98
CA GLN A 461 11.16 -17.44 -3.80
C GLN A 461 12.03 -18.64 -4.12
N SER A 462 12.07 -19.06 -5.37
CA SER A 462 12.81 -20.25 -5.65
C SER A 462 14.30 -19.98 -5.74
N ILE A 463 14.65 -18.83 -6.32
CA ILE A 463 16.06 -18.49 -6.52
C ILE A 463 16.49 -17.51 -5.46
N ASP A 464 17.66 -17.70 -4.90
CA ASP A 464 18.14 -16.83 -3.81
C ASP A 464 18.18 -15.35 -4.23
N SER A 465 17.59 -14.42 -3.44
CA SER A 465 17.58 -13.05 -3.86
C SER A 465 18.95 -12.42 -4.07
N ARG A 466 19.97 -12.96 -3.46
CA ARG A 466 21.31 -12.41 -3.62
C ARG A 466 21.88 -12.58 -5.03
N LEU A 467 21.32 -13.50 -5.77
CA LEU A 467 21.72 -13.72 -7.16
C LEU A 467 20.99 -12.86 -8.16
N ILE A 468 19.91 -12.21 -7.78
CA ILE A 468 19.04 -11.60 -8.78
C ILE A 468 19.33 -10.13 -9.00
N VAL A 469 19.34 -9.72 -10.28
CA VAL A 469 19.67 -8.33 -10.63
C VAL A 469 18.56 -7.95 -11.64
N ASP A 470 18.04 -6.74 -11.50
CA ASP A 470 16.98 -6.22 -12.42
C ASP A 470 17.73 -5.41 -13.49
N TRP A 471 17.21 -5.43 -14.70
CA TRP A 471 17.77 -4.70 -15.82
C TRP A 471 16.63 -3.91 -16.42
N ARG A 472 16.76 -2.55 -16.46
CA ARG A 472 15.76 -1.70 -17.05
C ARG A 472 16.45 -0.72 -18.00
N PHE A 473 16.11 -0.82 -19.28
CA PHE A 473 16.65 0.11 -20.28
C PHE A 473 15.47 0.96 -20.81
N PHE A 474 15.75 2.29 -20.88
CA PHE A 474 14.78 3.32 -21.20
C PHE A 474 15.22 4.05 -22.47
N GLY A 475 14.29 4.07 -23.43
CA GLY A 475 14.59 4.58 -24.79
C GLY A 475 14.12 6.03 -24.89
N ARG A 476 14.62 6.77 -25.85
CA ARG A 476 14.15 8.13 -26.06
C ARG A 476 13.12 8.16 -27.21
N THR A 477 12.07 8.97 -27.10
CA THR A 477 11.03 9.08 -28.10
C THR A 477 10.96 10.44 -28.75
N GLU A 478 11.04 10.44 -30.08
CA GLU A 478 10.99 11.67 -30.87
C GLU A 478 9.62 12.34 -30.66
N PRO A 479 9.60 13.64 -30.39
CA PRO A 479 8.34 14.36 -30.33
C PRO A 479 7.67 14.50 -31.72
N LYS A 480 6.40 14.15 -31.82
CA LYS A 480 5.64 14.18 -33.06
C LYS A 480 4.25 14.74 -32.81
N GLU A 481 3.89 15.68 -33.63
CA GLU A 481 2.65 16.42 -33.48
C GLU A 481 1.44 15.46 -33.35
N GLU A 482 1.46 14.36 -34.13
CA GLU A 482 0.33 13.39 -34.10
C GLU A 482 0.15 12.62 -32.79
N ASN A 483 1.20 12.58 -31.95
CA ASN A 483 1.11 11.89 -30.68
C ASN A 483 0.50 12.84 -29.66
N LYS A 484 -0.67 12.48 -29.15
CA LYS A 484 -1.54 13.43 -28.44
C LYS A 484 -2.12 12.88 -27.14
N LEU A 485 -2.32 13.82 -26.21
CA LEU A 485 -3.12 13.58 -24.99
C LEU A 485 -4.29 14.55 -25.10
N TRP A 486 -5.53 14.06 -25.21
CA TRP A 486 -6.65 14.98 -25.34
C TRP A 486 -7.72 14.60 -24.32
N PHE A 487 -8.75 15.43 -24.17
CA PHE A 487 -9.72 15.20 -23.16
C PHE A 487 -11.15 15.24 -23.72
N SER A 488 -11.96 14.26 -23.34
CA SER A 488 -13.27 14.13 -23.89
C SER A 488 -14.19 15.32 -23.56
N ASP A 489 -15.06 15.64 -24.49
CA ASP A 489 -16.08 16.65 -24.19
C ASP A 489 -17.34 16.09 -23.63
N LYS A 490 -17.40 14.81 -23.46
CA LYS A 490 -18.58 14.20 -22.82
C LYS A 490 -18.26 13.25 -21.71
N ILE A 491 -17.20 12.45 -21.81
CA ILE A 491 -16.91 11.46 -20.77
C ILE A 491 -16.13 12.18 -19.65
N THR A 492 -16.48 11.87 -18.40
CA THR A 492 -15.72 12.42 -17.31
C THR A 492 -15.05 11.39 -16.44
N ASP A 493 -14.04 11.82 -15.69
CA ASP A 493 -13.29 10.92 -14.86
C ASP A 493 -13.92 10.82 -13.43
N ALA A 494 -13.20 10.22 -12.48
CA ALA A 494 -13.81 9.95 -11.17
C ALA A 494 -13.89 11.25 -10.36
N TYR A 495 -13.26 12.33 -10.82
CA TYR A 495 -13.36 13.65 -10.20
C TYR A 495 -14.20 14.66 -11.04
N ASN A 496 -15.02 14.11 -11.97
CA ASN A 496 -15.93 14.91 -12.75
C ASN A 496 -15.20 15.90 -13.64
N MET A 497 -14.01 15.52 -14.08
CA MET A 497 -13.19 16.35 -14.97
C MET A 497 -13.09 15.65 -16.32
N PRO A 498 -12.78 16.43 -17.37
CA PRO A 498 -12.84 15.77 -18.70
C PRO A 498 -11.88 14.57 -18.81
N GLN A 499 -12.38 13.43 -19.35
CA GLN A 499 -11.62 12.20 -19.30
C GLN A 499 -10.42 12.20 -20.21
N PRO A 500 -9.20 11.92 -19.66
CA PRO A 500 -8.01 11.86 -20.55
C PRO A 500 -8.02 10.72 -21.55
N THR A 501 -7.58 10.96 -22.76
CA THR A 501 -7.52 9.93 -23.82
C THR A 501 -6.23 10.13 -24.55
N PHE A 502 -5.54 9.05 -24.80
CA PHE A 502 -4.30 9.09 -25.57
C PHE A 502 -4.50 8.71 -27.00
N ASP A 503 -3.73 9.35 -27.87
CA ASP A 503 -3.59 8.85 -29.25
C ASP A 503 -2.11 8.82 -29.53
N PHE A 504 -1.52 7.64 -29.37
CA PHE A 504 -0.07 7.46 -29.27
C PHE A 504 0.34 6.20 -29.96
N ARG A 505 1.41 6.30 -30.76
CA ARG A 505 2.22 5.17 -31.22
C ARG A 505 3.68 5.60 -31.10
N PHE A 506 4.59 4.66 -30.88
CA PHE A 506 5.99 5.05 -30.93
C PHE A 506 6.34 5.42 -32.41
N PRO A 507 7.00 6.57 -32.64
CA PRO A 507 7.22 6.94 -34.03
C PRO A 507 8.06 5.92 -34.75
N ALA A 508 7.69 5.71 -35.98
CA ALA A 508 8.50 4.92 -36.82
C ALA A 508 9.85 5.81 -37.04
N GLY A 509 10.78 5.14 -37.61
CA GLY A 509 12.04 5.65 -37.85
C GLY A 509 12.88 5.46 -36.61
N ARG A 510 13.61 6.51 -36.24
CA ARG A 510 14.66 6.38 -35.29
C ARG A 510 14.15 5.85 -33.96
N THR A 511 12.98 6.33 -33.49
CA THR A 511 12.54 5.89 -32.15
C THR A 511 12.39 4.35 -32.11
N SER A 512 11.80 3.81 -33.18
CA SER A 512 11.56 2.38 -33.20
C SER A 512 12.80 1.54 -33.40
N LYS A 513 13.66 1.97 -34.33
CA LYS A 513 14.92 1.30 -34.59
C LYS A 513 15.73 1.26 -33.26
N GLU A 514 15.82 2.42 -32.55
CA GLU A 514 16.57 2.49 -31.31
C GLU A 514 15.98 1.60 -30.25
N ALA A 515 14.66 1.55 -30.18
CA ALA A 515 13.98 0.78 -29.13
C ALA A 515 14.35 -0.67 -29.28
N GLU A 516 14.33 -1.16 -30.49
CA GLU A 516 14.70 -2.56 -30.73
C GLU A 516 16.20 -2.75 -30.55
N ASP A 517 17.06 -1.76 -30.90
CA ASP A 517 18.51 -1.91 -30.65
C ASP A 517 18.80 -1.95 -29.14
N MET A 518 17.99 -1.19 -28.44
CA MET A 518 18.04 -1.16 -26.98
C MET A 518 17.70 -2.48 -26.34
N MET A 519 16.62 -3.09 -26.78
CA MET A 519 16.32 -4.46 -26.35
C MET A 519 17.58 -5.38 -26.56
N THR A 520 18.14 -5.39 -27.77
CA THR A 520 19.28 -6.27 -28.06
C THR A 520 20.42 -5.91 -27.10
N ASP A 521 20.68 -4.61 -26.86
CA ASP A 521 21.74 -4.19 -26.00
C ASP A 521 21.54 -4.76 -24.57
N MET A 522 20.29 -4.76 -24.10
CA MET A 522 20.01 -5.39 -22.79
C MET A 522 20.29 -6.89 -22.79
N CYS A 523 19.95 -7.61 -23.87
CA CYS A 523 20.19 -9.01 -23.93
C CYS A 523 21.72 -9.27 -23.95
N VAL A 524 22.45 -8.42 -24.67
CA VAL A 524 23.91 -8.61 -24.81
C VAL A 524 24.62 -8.28 -23.48
N MET A 525 24.25 -7.14 -22.90
CA MET A 525 24.96 -6.71 -21.70
C MET A 525 24.59 -7.65 -20.53
N SER A 526 23.33 -8.01 -20.41
CA SER A 526 22.94 -8.81 -19.21
C SER A 526 23.66 -10.15 -19.20
N ALA A 527 23.82 -10.74 -20.37
CA ALA A 527 24.49 -12.03 -20.54
C ALA A 527 25.92 -12.01 -19.90
N LYS A 528 26.51 -10.83 -19.70
CA LYS A 528 27.86 -10.78 -19.16
C LYS A 528 27.84 -11.06 -17.66
N ILE A 529 26.65 -10.93 -17.07
CA ILE A 529 26.46 -11.09 -15.62
C ILE A 529 25.82 -12.44 -15.29
N GLY A 530 24.83 -12.88 -16.08
CA GLY A 530 24.25 -14.20 -15.91
C GLY A 530 23.11 -14.35 -16.90
N GLY A 531 22.57 -15.54 -16.92
CA GLY A 531 21.34 -15.76 -17.72
C GLY A 531 20.10 -15.13 -17.15
N PHE A 532 19.05 -15.12 -17.97
CA PHE A 532 17.76 -14.56 -17.57
C PHE A 532 17.18 -15.45 -16.50
N LEU A 533 16.46 -14.81 -15.58
CA LEU A 533 15.69 -15.55 -14.59
C LEU A 533 14.35 -15.97 -15.20
N PRO A 534 14.02 -17.28 -15.16
CA PRO A 534 12.77 -17.70 -15.74
C PRO A 534 11.61 -16.90 -15.13
N GLY A 535 10.62 -16.58 -15.93
CA GLY A 535 9.56 -15.72 -15.45
C GLY A 535 9.81 -14.21 -15.48
N SER A 536 11.06 -13.83 -15.71
CA SER A 536 11.43 -12.44 -15.91
C SER A 536 12.32 -12.28 -17.17
N LEU A 537 11.80 -12.81 -18.25
CA LEU A 537 12.47 -12.85 -19.55
C LEU A 537 12.38 -11.47 -20.22
N PRO A 538 13.32 -11.20 -21.14
CA PRO A 538 13.38 -9.85 -21.75
C PRO A 538 12.09 -9.50 -22.48
N GLN A 539 11.59 -8.33 -22.21
CA GLN A 539 10.32 -7.92 -22.76
C GLN A 539 10.17 -6.41 -22.75
N PHE A 540 9.34 -5.94 -23.68
CA PHE A 540 8.86 -4.55 -23.59
C PHE A 540 7.70 -4.45 -22.61
N MET A 541 7.72 -3.40 -21.77
CA MET A 541 6.68 -3.11 -20.85
C MET A 541 5.51 -2.38 -21.49
N GLU A 542 4.30 -2.54 -20.94
CA GLU A 542 3.09 -1.92 -21.48
C GLU A 542 3.38 -0.41 -21.66
N PRO A 543 2.98 0.15 -22.79
CA PRO A 543 3.31 1.52 -23.05
C PRO A 543 2.87 2.45 -21.87
N GLY A 544 3.78 3.25 -21.34
CA GLY A 544 3.46 4.16 -20.24
C GLY A 544 3.60 3.66 -18.82
N LEU A 545 3.89 2.38 -18.65
CA LEU A 545 4.09 1.84 -17.31
C LEU A 545 5.32 2.44 -16.72
N VAL A 546 6.22 2.88 -17.58
CA VAL A 546 7.45 3.58 -17.16
C VAL A 546 7.20 4.94 -16.46
N LEU A 547 6.09 5.59 -16.76
CA LEU A 547 5.72 6.87 -16.01
C LEU A 547 6.72 7.98 -16.19
N HIS A 548 7.15 8.16 -17.43
CA HIS A 548 8.15 9.19 -17.79
C HIS A 548 7.60 10.12 -18.88
N LEU A 549 6.28 10.25 -18.89
CA LEU A 549 5.60 11.03 -19.92
C LEU A 549 6.12 12.47 -19.92
N GLY A 550 6.43 12.98 -21.08
CA GLY A 550 6.87 14.39 -21.16
C GLY A 550 6.19 15.10 -22.33
N GLY A 551 6.44 16.39 -22.48
CA GLY A 551 6.02 17.13 -23.64
C GLY A 551 4.59 17.54 -23.85
N THR A 552 3.81 17.24 -22.83
CA THR A 552 2.40 17.57 -22.83
C THR A 552 2.13 19.08 -22.79
N HIS A 553 3.04 19.85 -22.23
CA HIS A 553 2.87 21.30 -22.21
C HIS A 553 4.24 21.89 -22.34
N ARG A 554 4.83 21.60 -23.50
CA ARG A 554 6.27 21.68 -23.67
C ARG A 554 6.87 23.08 -23.76
N MET A 555 8.14 23.17 -23.39
CA MET A 555 8.93 24.38 -23.37
C MET A 555 9.64 24.69 -24.70
N GLY A 556 9.73 25.98 -25.06
CA GLY A 556 10.62 26.37 -26.12
C GLY A 556 10.78 27.88 -26.10
N PHE A 557 11.61 28.37 -27.01
CA PHE A 557 11.87 29.79 -27.09
C PHE A 557 10.72 30.62 -27.70
N ASP A 558 10.07 30.06 -28.69
CA ASP A 558 9.05 30.77 -29.48
C ASP A 558 7.83 29.86 -29.70
N GLU A 559 6.69 30.37 -29.33
CA GLU A 559 5.45 29.57 -29.30
C GLU A 559 5.19 28.82 -30.64
N LYS A 560 5.25 29.58 -31.71
CA LYS A 560 4.97 29.11 -33.06
C LYS A 560 6.15 28.32 -33.59
N GLU A 561 7.35 28.89 -33.55
CA GLU A 561 8.48 28.19 -34.21
C GLU A 561 8.91 26.90 -33.53
N ASP A 562 8.80 26.87 -32.20
CA ASP A 562 9.19 25.76 -31.44
C ASP A 562 7.98 24.85 -31.03
N ASN A 563 6.77 25.16 -31.51
CA ASN A 563 5.59 24.31 -31.30
C ASN A 563 5.40 24.04 -29.82
N CYS A 564 5.29 25.09 -29.00
CA CYS A 564 5.38 24.94 -27.57
C CYS A 564 4.43 25.82 -26.76
N CYS A 565 4.35 25.60 -25.45
CA CYS A 565 3.33 26.16 -24.60
C CYS A 565 3.94 27.10 -23.50
N VAL A 566 5.15 26.82 -23.05
CA VAL A 566 5.83 27.66 -22.02
C VAL A 566 7.19 28.10 -22.55
N ASN A 567 7.63 29.27 -22.10
CA ASN A 567 8.97 29.69 -22.39
C ASN A 567 10.00 29.22 -21.40
N THR A 568 11.24 29.69 -21.50
CA THR A 568 12.30 29.11 -20.67
C THR A 568 12.26 29.48 -19.19
N ASP A 569 11.33 30.39 -18.80
CA ASP A 569 11.04 30.69 -17.45
C ASP A 569 9.81 29.82 -17.00
N SER A 570 9.39 28.88 -17.86
CA SER A 570 8.23 28.04 -17.59
C SER A 570 6.89 28.86 -17.52
N ARG A 571 6.92 30.01 -18.18
CA ARG A 571 5.77 30.90 -18.17
C ARG A 571 4.90 30.59 -19.40
N VAL A 572 3.60 30.50 -19.20
CA VAL A 572 2.70 30.19 -20.35
C VAL A 572 2.69 31.41 -21.27
N PHE A 573 2.94 31.19 -22.54
CA PHE A 573 3.01 32.27 -23.50
C PHE A 573 1.74 33.17 -23.39
N GLY A 574 2.02 34.47 -23.31
CA GLY A 574 1.02 35.48 -23.18
C GLY A 574 0.54 35.87 -21.83
N PHE A 575 0.70 34.94 -20.88
CA PHE A 575 0.25 35.11 -19.54
C PHE A 575 1.31 35.62 -18.56
N LYS A 576 1.01 36.72 -17.89
CA LYS A 576 2.00 37.32 -17.03
C LYS A 576 2.33 36.48 -15.79
N ASN A 577 1.37 35.72 -15.34
CA ASN A 577 1.40 35.18 -13.95
C ASN A 577 1.02 33.71 -13.82
N LEU A 578 1.23 32.93 -14.88
CA LEU A 578 0.92 31.52 -14.95
C LEU A 578 2.15 30.75 -15.39
N PHE A 579 2.53 29.80 -14.54
CA PHE A 579 3.69 28.98 -14.75
C PHE A 579 3.30 27.52 -14.61
N LEU A 580 3.95 26.68 -15.42
CA LEU A 580 3.78 25.25 -15.36
C LEU A 580 5.15 24.62 -14.94
N GLY A 581 5.09 23.58 -14.09
CA GLY A 581 6.28 22.79 -13.69
C GLY A 581 6.02 21.32 -13.86
N GLY A 582 7.04 20.61 -14.27
CA GLY A 582 6.97 19.17 -14.37
C GLY A 582 7.52 18.64 -15.66
N CYS A 583 7.44 17.30 -15.81
CA CYS A 583 8.02 16.68 -16.95
C CYS A 583 7.29 17.03 -18.23
N GLY A 584 6.07 17.50 -18.11
CA GLY A 584 5.39 17.92 -19.33
C GLY A 584 6.03 19.10 -20.03
N ASN A 585 6.88 19.84 -19.30
CA ASN A 585 7.66 20.91 -19.93
C ASN A 585 8.78 20.42 -20.89
N ILE A 586 9.24 19.22 -20.67
CA ILE A 586 10.44 18.76 -21.40
C ILE A 586 10.09 18.46 -22.82
N PRO A 587 10.68 19.16 -23.79
CA PRO A 587 10.24 19.07 -25.20
C PRO A 587 11.07 18.12 -26.06
N THR A 588 12.11 17.56 -25.44
CA THR A 588 13.11 16.77 -26.17
C THR A 588 12.80 15.28 -26.12
N ALA A 589 13.55 14.51 -26.93
CA ALA A 589 13.55 13.07 -26.80
C ALA A 589 14.58 12.67 -25.74
N TYR A 590 14.11 12.07 -24.66
CA TYR A 590 15.04 11.81 -23.55
C TYR A 590 14.83 10.40 -23.06
N GLY A 591 15.91 9.73 -22.71
CA GLY A 591 15.84 8.42 -22.07
C GLY A 591 16.13 8.34 -20.59
N ALA A 592 16.91 9.25 -20.05
CA ALA A 592 17.12 9.28 -18.61
C ALA A 592 15.90 9.69 -17.80
N ASN A 593 15.90 9.43 -16.50
CA ASN A 593 14.77 9.68 -15.66
C ASN A 593 14.62 11.18 -15.57
N PRO A 594 13.43 11.72 -15.76
CA PRO A 594 13.27 13.17 -16.05
C PRO A 594 13.13 14.12 -14.84
N THR A 595 12.87 13.64 -13.64
CA THR A 595 12.51 14.52 -12.58
C THR A 595 13.58 15.55 -12.26
N LEU A 596 14.89 15.17 -12.19
CA LEU A 596 15.96 16.13 -11.86
C LEU A 596 15.96 17.32 -12.85
N THR A 597 15.70 16.99 -14.10
CA THR A 597 15.65 17.99 -15.16
C THR A 597 14.42 18.88 -14.99
N ALA A 598 13.26 18.26 -14.73
CA ALA A 598 12.07 19.10 -14.44
C ALA A 598 12.26 20.01 -13.21
N MET A 599 12.95 19.53 -12.15
CA MET A 599 13.22 20.37 -10.97
C MET A 599 14.16 21.55 -11.34
N SER A 600 15.19 21.26 -12.15
CA SER A 600 16.11 22.32 -12.62
C SER A 600 15.35 23.44 -13.35
N LEU A 601 14.45 23.06 -14.28
CA LEU A 601 13.55 24.06 -14.90
C LEU A 601 12.72 24.82 -13.90
N ALA A 602 12.23 24.17 -12.87
CA ALA A 602 11.38 24.83 -11.88
C ALA A 602 12.21 25.87 -11.06
N ILE A 603 13.45 25.54 -10.76
CA ILE A 603 14.30 26.51 -10.11
C ILE A 603 14.48 27.75 -10.97
N LYS A 604 14.75 27.58 -12.27
CA LYS A 604 14.84 28.73 -13.17
C LYS A 604 13.56 29.55 -13.22
N SER A 605 12.43 28.86 -13.18
CA SER A 605 11.13 29.52 -13.16
C SER A 605 10.97 30.34 -11.88
N CYS A 606 11.33 29.77 -10.74
CA CYS A 606 11.31 30.53 -9.51
C CYS A 606 12.17 31.84 -9.54
N GLU A 607 13.33 31.80 -10.21
CA GLU A 607 14.23 32.93 -10.33
C GLU A 607 13.48 34.02 -11.07
N TYR A 608 12.78 33.67 -12.17
CA TYR A 608 11.92 34.65 -12.88
C TYR A 608 10.84 35.28 -11.95
N ILE A 609 10.19 34.44 -11.16
CA ILE A 609 9.17 34.96 -10.27
C ILE A 609 9.75 35.92 -9.29
N LYS A 610 10.89 35.53 -8.70
CA LYS A 610 11.52 36.38 -7.70
C LYS A 610 11.94 37.72 -8.28
N GLN A 611 12.26 37.72 -9.58
CA GLN A 611 12.66 38.90 -10.27
C GLN A 611 11.51 39.86 -10.65
N ASN A 612 10.29 39.35 -10.61
CA ASN A 612 9.14 40.01 -11.27
C ASN A 612 7.92 40.24 -10.42
N PHE A 613 7.85 39.63 -9.22
CA PHE A 613 6.77 39.77 -8.30
C PHE A 613 7.29 40.04 -6.88
N THR A 614 6.68 40.96 -6.16
CA THR A 614 7.15 41.30 -4.82
C THR A 614 6.29 40.58 -3.81
N PRO A 615 6.92 39.97 -2.83
CA PRO A 615 6.12 39.37 -1.74
C PRO A 615 5.41 40.41 -0.92
N SER A 616 4.28 40.04 -0.36
CA SER A 616 3.53 40.99 0.45
C SER A 616 4.26 41.18 1.75
N PRO A 617 4.13 42.36 2.35
CA PRO A 617 4.74 42.53 3.66
C PRO A 617 4.16 41.54 4.66
N PHE A 618 5.02 40.94 5.48
CA PHE A 618 4.56 39.92 6.37
C PHE A 618 3.72 40.48 7.52
N MET B 43 11.30 10.36 26.43
CA MET B 43 10.99 9.12 27.18
C MET B 43 11.48 9.17 28.63
N ASP B 44 10.52 9.31 29.55
CA ASP B 44 10.70 8.92 30.94
C ASP B 44 11.01 7.43 31.06
N ILE B 45 11.49 7.00 32.19
CA ILE B 45 11.73 5.58 32.28
C ILE B 45 10.63 4.90 33.16
N LYS B 46 9.82 5.71 33.86
CA LYS B 46 8.70 5.19 34.67
C LYS B 46 7.30 5.71 34.31
N TYR B 47 6.39 4.77 34.11
CA TYR B 47 5.00 5.01 33.82
C TYR B 47 4.10 4.26 34.81
N ASP B 48 2.81 4.58 34.84
CA ASP B 48 1.90 3.77 35.60
C ASP B 48 1.60 2.47 34.80
N VAL B 49 1.29 2.66 33.54
CA VAL B 49 0.93 1.53 32.63
C VAL B 49 1.74 1.58 31.37
N VAL B 50 2.24 0.42 30.93
CA VAL B 50 2.87 0.27 29.60
C VAL B 50 2.08 -0.71 28.75
N ILE B 51 1.78 -0.30 27.51
CA ILE B 51 1.02 -1.12 26.59
C ILE B 51 1.92 -1.41 25.38
N VAL B 52 2.13 -2.70 25.08
CA VAL B 52 2.83 -3.13 23.90
C VAL B 52 1.80 -3.42 22.77
N GLY B 53 1.84 -2.59 21.73
CA GLY B 53 0.94 -2.72 20.62
C GLY B 53 -0.08 -1.62 20.57
N SER B 54 -0.17 -0.94 19.42
CA SER B 54 -1.17 0.10 19.18
C SER B 54 -2.35 -0.32 18.27
N GLY B 55 -2.66 -1.61 18.19
CA GLY B 55 -3.83 -2.03 17.49
C GLY B 55 -5.10 -1.66 18.29
N PRO B 56 -6.28 -2.13 17.84
CA PRO B 56 -7.52 -1.72 18.45
C PRO B 56 -7.65 -2.24 19.89
N ILE B 57 -6.95 -3.32 20.17
CA ILE B 57 -7.03 -3.90 21.52
C ILE B 57 -6.13 -3.05 22.44
N GLY B 58 -4.91 -2.78 22.04
CA GLY B 58 -4.01 -1.89 22.82
C GLY B 58 -4.70 -0.58 23.10
N CYS B 59 -5.42 -0.12 22.08
CA CYS B 59 -6.10 1.20 22.17
C CYS B 59 -7.36 1.17 23.06
N THR B 60 -7.94 -0.01 23.27
CA THR B 60 -8.99 -0.19 24.28
C THR B 60 -8.43 0.05 25.67
N TYR B 61 -7.28 -0.53 25.97
CA TYR B 61 -6.61 -0.29 27.23
C TYR B 61 -6.27 1.18 27.36
N ALA B 62 -5.74 1.77 26.30
CA ALA B 62 -5.40 3.18 26.40
C ALA B 62 -6.63 4.02 26.65
N ARG B 63 -7.68 3.79 25.87
CA ARG B 63 -8.91 4.50 26.08
C ARG B 63 -9.35 4.48 27.55
N GLU B 64 -9.40 3.28 28.12
CA GLU B 64 -9.94 3.13 29.47
C GLU B 64 -8.99 3.76 30.49
N LEU B 65 -7.69 3.50 30.31
CA LEU B 65 -6.74 3.81 31.38
C LEU B 65 -6.16 5.23 31.31
N VAL B 66 -6.06 5.80 30.12
CA VAL B 66 -5.69 7.19 30.05
C VAL B 66 -6.89 7.97 30.58
N GLY B 67 -8.07 7.54 30.19
CA GLY B 67 -9.25 8.22 30.66
C GLY B 67 -9.44 8.23 32.17
N ALA B 68 -8.97 7.17 32.83
CA ALA B 68 -9.04 7.05 34.27
C ALA B 68 -7.94 7.76 34.98
N GLY B 69 -7.03 8.42 34.24
CA GLY B 69 -5.98 9.24 34.86
C GLY B 69 -4.62 8.58 35.04
N TYR B 70 -4.40 7.40 34.47
CA TYR B 70 -3.10 6.71 34.61
C TYR B 70 -2.11 7.39 33.71
N LYS B 71 -0.85 7.38 34.11
CA LYS B 71 0.25 7.80 33.22
C LYS B 71 0.60 6.64 32.28
N VAL B 72 0.24 6.76 30.99
CA VAL B 72 0.41 5.61 30.13
C VAL B 72 1.46 5.86 29.05
N ALA B 73 2.23 4.82 28.78
CA ALA B 73 3.05 4.74 27.59
C ALA B 73 2.63 3.56 26.74
N MET B 74 2.70 3.76 25.44
CA MET B 74 2.40 2.70 24.49
C MET B 74 3.55 2.64 23.49
N PHE B 75 3.97 1.41 23.17
CA PHE B 75 5.03 1.11 22.24
C PHE B 75 4.49 0.35 21.07
N ASP B 76 4.89 0.75 19.85
CA ASP B 76 4.65 -0.12 18.67
C ASP B 76 5.92 -0.35 17.89
N ILE B 77 6.14 -1.55 17.41
CA ILE B 77 7.34 -1.85 16.58
C ILE B 77 7.26 -1.13 15.25
N GLY B 78 6.02 -0.91 14.79
CA GLY B 78 5.84 -0.18 13.50
C GLY B 78 5.63 1.28 13.67
N GLU B 79 5.36 1.94 12.55
CA GLU B 79 5.44 3.37 12.50
C GLU B 79 4.13 4.06 12.12
N ILE B 80 4.07 5.36 12.39
CA ILE B 80 2.88 6.14 12.03
C ILE B 80 2.82 6.23 10.48
N ASP B 81 1.64 5.81 9.96
CA ASP B 81 1.18 5.33 8.59
C ASP B 81 -0.27 5.60 8.01
N SER B 82 -1.10 6.38 8.68
CA SER B 82 -2.41 6.61 8.09
C SER B 82 -2.76 8.15 7.94
N GLY B 83 -1.79 9.03 7.70
CA GLY B 83 -2.09 10.50 7.77
C GLY B 83 -2.10 11.11 9.19
N LEU B 84 -2.79 12.24 9.34
CA LEU B 84 -2.81 12.99 10.61
C LEU B 84 -3.67 12.36 11.70
N LYS B 85 -4.57 11.45 11.31
CA LYS B 85 -5.36 10.68 12.27
C LYS B 85 -4.50 9.40 12.53
N ILE B 86 -3.86 9.35 13.72
CA ILE B 86 -2.86 8.35 14.00
C ILE B 86 -3.54 7.03 14.18
N GLY B 87 -3.08 6.01 13.48
CA GLY B 87 -3.71 4.68 13.56
C GLY B 87 -5.10 4.54 12.93
N ALA B 88 -5.42 5.43 12.02
CA ALA B 88 -6.74 5.38 11.38
C ALA B 88 -6.80 4.41 10.19
N HIS B 89 -8.01 4.13 9.70
CA HIS B 89 -8.21 3.26 8.59
C HIS B 89 -7.67 3.86 7.31
N LYS B 90 -6.79 3.12 6.64
CA LYS B 90 -6.20 3.57 5.39
C LYS B 90 -7.15 3.69 4.18
N LYS B 91 -8.30 3.06 4.27
CA LYS B 91 -9.33 3.08 3.20
C LYS B 91 -10.17 4.36 3.29
N ASN B 92 -9.88 5.21 4.31
CA ASN B 92 -10.68 6.46 4.52
C ASN B 92 -10.15 7.65 3.72
N THR B 93 -9.59 7.39 2.60
CA THR B 93 -9.21 8.47 1.72
C THR B 93 -10.20 8.52 0.58
N VAL B 94 -10.35 9.70 0.05
CA VAL B 94 -11.28 9.91 -1.08
C VAL B 94 -10.87 9.04 -2.25
N GLU B 95 -9.58 8.88 -2.47
CA GLU B 95 -9.09 8.06 -3.59
C GLU B 95 -9.41 6.55 -3.45
N TYR B 96 -9.32 5.96 -2.25
CA TYR B 96 -9.70 4.57 -2.04
C TYR B 96 -11.20 4.32 -2.06
N GLN B 97 -11.99 5.33 -1.76
CA GLN B 97 -13.39 5.08 -1.85
C GLN B 97 -13.91 5.23 -3.23
N LYS B 98 -13.17 5.95 -4.05
CA LYS B 98 -13.45 5.94 -5.48
C LYS B 98 -12.83 4.72 -6.18
N ASN B 99 -11.89 4.02 -5.54
CA ASN B 99 -11.08 2.94 -6.18
C ASN B 99 -10.91 1.78 -5.19
N ILE B 100 -12.02 1.20 -4.72
CA ILE B 100 -11.93 0.22 -3.69
C ILE B 100 -11.03 -0.99 -4.03
N ASP B 101 -11.01 -1.39 -5.28
CA ASP B 101 -10.21 -2.55 -5.69
C ASP B 101 -8.71 -2.35 -5.52
N LYS B 102 -8.26 -1.10 -5.60
CA LYS B 102 -6.82 -0.81 -5.41
C LYS B 102 -6.43 -1.03 -3.96
N PHE B 103 -7.40 -1.05 -3.05
CA PHE B 103 -7.01 -1.14 -1.62
C PHE B 103 -6.48 -2.53 -1.32
N VAL B 104 -6.87 -3.50 -2.16
CA VAL B 104 -6.38 -4.88 -1.97
C VAL B 104 -4.82 -4.82 -1.91
N ASN B 105 -4.22 -3.98 -2.79
CA ASN B 105 -2.77 -3.94 -2.86
C ASN B 105 -2.20 -3.36 -1.58
N VAL B 106 -2.89 -2.41 -0.97
CA VAL B 106 -2.45 -1.78 0.30
C VAL B 106 -2.37 -2.87 1.37
N ILE B 107 -3.40 -3.71 1.39
CA ILE B 107 -3.48 -4.87 2.36
C ILE B 107 -2.31 -5.83 2.13
N GLN B 108 -2.11 -6.23 0.89
CA GLN B 108 -1.04 -7.16 0.58
C GLN B 108 0.31 -6.60 0.99
N GLY B 109 0.51 -5.29 0.77
CA GLY B 109 1.79 -4.70 1.11
C GLY B 109 2.12 -4.62 2.60
N GLN B 110 1.15 -4.81 3.49
CA GLN B 110 1.46 -4.69 4.91
C GLN B 110 1.20 -6.03 5.68
N LEU B 111 1.00 -7.10 4.94
CA LEU B 111 0.85 -8.48 5.57
C LEU B 111 2.18 -9.27 5.30
N MET B 112 2.92 -9.49 6.34
CA MET B 112 4.25 -10.18 6.31
C MET B 112 3.99 -11.59 6.81
N SER B 113 4.27 -12.59 5.95
CA SER B 113 4.04 -13.99 6.37
C SER B 113 4.74 -14.43 7.62
N VAL B 114 4.01 -15.11 8.49
CA VAL B 114 4.55 -15.56 9.78
C VAL B 114 5.67 -16.63 9.66
N SER B 115 5.43 -17.68 8.91
CA SER B 115 6.29 -18.85 8.80
C SER B 115 6.21 -19.42 7.38
N VAL B 116 7.31 -19.25 6.66
CA VAL B 116 7.44 -19.65 5.26
C VAL B 116 8.37 -20.84 5.11
N PRO B 117 7.85 -22.02 4.73
CA PRO B 117 8.73 -23.22 4.68
C PRO B 117 9.80 -23.10 3.59
N VAL B 118 10.84 -23.92 3.69
CA VAL B 118 11.86 -23.93 2.69
C VAL B 118 11.27 -24.36 1.34
N ASN B 119 11.63 -23.57 0.35
CA ASN B 119 11.09 -23.65 -1.00
C ASN B 119 11.70 -24.86 -1.72
N THR B 120 10.88 -25.72 -2.33
CA THR B 120 11.44 -26.85 -3.11
C THR B 120 10.93 -26.83 -4.60
N LEU B 121 10.51 -25.65 -5.12
CA LEU B 121 10.21 -25.56 -6.54
C LEU B 121 11.49 -25.81 -7.40
N VAL B 122 11.29 -26.52 -8.48
CA VAL B 122 12.40 -26.87 -9.35
C VAL B 122 12.46 -25.89 -10.49
N VAL B 123 13.55 -25.17 -10.54
CA VAL B 123 13.81 -24.28 -11.70
C VAL B 123 14.98 -24.86 -12.47
N ASP B 124 14.65 -25.49 -13.59
CA ASP B 124 15.67 -26.19 -14.36
C ASP B 124 15.84 -25.58 -15.77
N THR B 125 15.36 -24.32 -15.94
CA THR B 125 15.55 -23.59 -17.19
C THR B 125 16.45 -22.37 -16.97
N LEU B 126 17.24 -22.40 -15.92
CA LEU B 126 18.37 -21.43 -15.87
C LEU B 126 19.33 -21.66 -17.00
N SER B 127 19.98 -20.56 -17.43
CA SER B 127 21.10 -20.67 -18.36
C SER B 127 22.20 -21.49 -17.70
N PRO B 128 22.90 -22.29 -18.49
CA PRO B 128 24.01 -23.02 -17.96
C PRO B 128 25.07 -22.17 -17.27
N THR B 129 25.17 -20.88 -17.59
CA THR B 129 26.16 -20.08 -16.89
C THR B 129 25.74 -19.56 -15.53
N SER B 130 24.45 -19.55 -15.23
CA SER B 130 23.94 -19.06 -13.95
C SER B 130 24.28 -20.00 -12.81
N TRP B 131 24.56 -19.42 -11.65
CA TRP B 131 24.78 -20.20 -10.44
C TRP B 131 23.53 -20.96 -10.12
N GLN B 132 23.71 -22.29 -9.94
CA GLN B 132 22.58 -23.25 -9.80
C GLN B 132 22.76 -24.04 -8.52
N ALA B 133 21.70 -24.08 -7.74
CA ALA B 133 21.71 -24.83 -6.50
C ALA B 133 21.91 -26.32 -6.64
N SER B 134 22.63 -26.94 -5.70
CA SER B 134 22.63 -28.42 -5.61
C SER B 134 21.64 -28.98 -4.61
N THR B 135 21.10 -28.13 -3.72
CA THR B 135 20.15 -28.53 -2.70
C THR B 135 19.12 -27.43 -2.55
N PHE B 136 18.05 -27.75 -1.82
CA PHE B 136 17.00 -26.77 -1.49
C PHE B 136 17.32 -26.19 -0.13
N PHE B 137 18.31 -25.30 -0.17
CA PHE B 137 18.87 -24.70 1.04
C PHE B 137 18.03 -23.56 1.59
N VAL B 138 18.34 -23.09 2.79
CA VAL B 138 17.49 -22.09 3.39
C VAL B 138 17.72 -20.76 2.74
N ARG B 139 16.71 -20.23 2.11
CA ARG B 139 16.89 -18.95 1.52
C ARG B 139 15.75 -18.00 1.68
N ASN B 140 16.01 -16.73 1.34
CA ASN B 140 14.96 -15.69 1.31
C ASN B 140 14.09 -15.63 2.63
N GLY B 141 14.71 -15.78 3.79
CA GLY B 141 14.03 -15.71 5.12
C GLY B 141 13.13 -16.89 5.45
N SER B 142 13.21 -17.96 4.67
CA SER B 142 12.40 -19.11 5.03
C SER B 142 12.85 -19.78 6.35
N ASN B 143 11.94 -20.59 6.86
CA ASN B 143 11.98 -21.22 8.16
C ASN B 143 12.19 -22.73 8.05
N PRO B 144 13.41 -23.22 8.27
CA PRO B 144 13.67 -24.61 8.11
C PRO B 144 13.06 -25.49 9.22
N GLU B 145 12.52 -24.87 10.26
CA GLU B 145 11.82 -25.61 11.31
C GLU B 145 10.41 -26.02 10.79
N GLN B 146 9.87 -25.28 9.85
CA GLN B 146 8.45 -25.43 9.43
C GLN B 146 8.15 -26.60 8.51
N ASP B 147 7.32 -27.54 8.95
CA ASP B 147 6.79 -28.56 8.05
C ASP B 147 5.77 -27.87 7.10
N PRO B 148 5.99 -27.96 5.79
CA PRO B 148 5.11 -27.25 4.89
C PRO B 148 3.71 -27.79 4.93
N LEU B 149 3.53 -29.05 5.38
CA LEU B 149 2.23 -29.70 5.36
C LEU B 149 1.48 -29.66 6.70
N ARG B 150 2.04 -28.94 7.67
CA ARG B 150 1.36 -28.74 8.94
C ARG B 150 1.44 -27.28 9.34
N ASN B 151 1.22 -26.40 8.36
CA ASN B 151 1.41 -24.97 8.55
C ASN B 151 0.12 -24.18 8.55
N LEU B 152 0.20 -22.91 8.96
CA LEU B 152 -0.79 -21.87 8.64
C LEU B 152 -0.08 -20.91 7.65
N SER B 153 0.06 -21.38 6.41
CA SER B 153 0.89 -20.66 5.43
C SER B 153 0.36 -19.23 5.14
N GLY B 154 -0.93 -19.01 5.28
CA GLY B 154 -1.49 -17.69 5.02
C GLY B 154 -1.42 -16.75 6.20
N GLN B 155 -1.06 -17.26 7.40
CA GLN B 155 -0.92 -16.39 8.57
C GLN B 155 0.09 -15.29 8.30
N ALA B 156 -0.23 -14.08 8.67
CA ALA B 156 0.62 -12.90 8.42
C ALA B 156 0.40 -11.91 9.53
N VAL B 157 1.34 -11.01 9.71
CA VAL B 157 1.19 -9.95 10.72
C VAL B 157 1.43 -8.58 10.11
N THR B 158 1.01 -7.47 10.76
CA THR B 158 1.11 -6.13 10.22
C THR B 158 1.76 -5.33 11.32
N ARG B 159 2.88 -4.62 10.99
CA ARG B 159 3.63 -3.83 11.95
C ARG B 159 3.49 -2.37 11.50
N VAL B 160 2.43 -1.75 11.95
CA VAL B 160 2.22 -0.32 11.68
C VAL B 160 1.38 0.18 12.79
N VAL B 161 1.44 1.46 13.11
CA VAL B 161 0.63 1.99 14.20
C VAL B 161 -0.89 1.87 13.84
N GLY B 162 -1.64 1.26 14.75
CA GLY B 162 -3.00 0.88 14.45
C GLY B 162 -3.16 -0.62 14.15
N GLY B 163 -2.03 -1.31 13.96
CA GLY B 163 -2.03 -2.73 13.63
C GLY B 163 -2.95 -3.01 12.44
N MET B 164 -3.65 -4.15 12.47
CA MET B 164 -4.45 -4.59 11.36
C MET B 164 -5.70 -3.79 11.18
N SER B 165 -6.07 -2.99 12.16
CA SER B 165 -7.24 -2.09 12.05
C SER B 165 -7.04 -0.95 11.07
N THR B 166 -5.83 -0.74 10.54
CA THR B 166 -5.61 0.21 9.45
C THR B 166 -6.11 -0.40 8.15
N ALA B 167 -6.43 -1.72 8.12
CA ALA B 167 -6.77 -2.39 6.85
C ALA B 167 -8.07 -3.27 6.91
N TRP B 168 -8.60 -3.57 8.11
CA TRP B 168 -9.64 -4.61 8.28
C TRP B 168 -10.99 -4.26 7.67
N THR B 169 -11.86 -5.25 7.59
CA THR B 169 -13.19 -5.06 6.97
C THR B 169 -14.27 -4.69 7.96
N CYS B 170 -13.90 -4.48 9.21
CA CYS B 170 -14.79 -3.81 10.17
C CYS B 170 -16.07 -4.54 10.58
N ALA B 171 -16.11 -5.84 10.38
CA ALA B 171 -17.24 -6.63 10.76
C ALA B 171 -17.12 -6.96 12.23
N THR B 172 -18.14 -6.56 13.02
CA THR B 172 -18.06 -6.77 14.50
C THR B 172 -19.30 -7.41 15.05
N PRO B 173 -19.53 -8.69 14.72
CA PRO B 173 -20.67 -9.43 15.31
C PRO B 173 -20.37 -9.85 16.73
N ARG B 174 -21.40 -9.98 17.52
CA ARG B 174 -21.28 -10.66 18.81
C ARG B 174 -21.25 -12.17 18.62
N PHE B 175 -20.57 -12.85 19.55
CA PHE B 175 -20.71 -14.30 19.65
C PHE B 175 -21.93 -14.68 20.47
N ASP B 176 -22.68 -15.69 19.98
CA ASP B 176 -23.68 -16.39 20.78
C ASP B 176 -23.04 -17.32 21.80
N ARG B 177 -23.83 -17.85 22.74
CA ARG B 177 -23.30 -18.67 23.79
C ARG B 177 -22.39 -19.78 23.24
N GLU B 178 -22.81 -20.47 22.17
CA GLU B 178 -22.05 -21.65 21.69
C GLU B 178 -20.60 -21.31 21.32
N GLN B 179 -20.32 -20.06 20.90
CA GLN B 179 -18.98 -19.66 20.48
C GLN B 179 -18.14 -18.94 21.53
N ARG B 180 -18.73 -18.60 22.67
CA ARG B 180 -18.17 -17.62 23.59
C ARG B 180 -17.63 -18.27 24.90
N PRO B 181 -16.50 -17.81 25.47
CA PRO B 181 -16.13 -18.37 26.78
C PRO B 181 -17.01 -17.84 27.88
N LEU B 182 -17.12 -18.60 28.95
CA LEU B 182 -17.89 -18.23 30.13
C LEU B 182 -17.11 -17.17 30.91
N LEU B 183 -17.81 -16.13 31.34
CA LEU B 183 -17.28 -15.16 32.26
C LEU B 183 -17.88 -15.32 33.64
N VAL B 184 -19.01 -15.99 33.77
CA VAL B 184 -19.60 -16.31 35.08
C VAL B 184 -19.88 -17.83 35.04
N LYS B 185 -19.47 -18.59 36.06
CA LYS B 185 -19.84 -20.00 36.05
C LYS B 185 -21.21 -20.23 36.71
N ASP B 186 -21.97 -21.18 36.19
CA ASP B 186 -23.10 -21.68 36.88
C ASP B 186 -24.20 -20.67 36.98
N ASP B 187 -24.30 -19.75 36.03
CA ASP B 187 -25.32 -18.76 36.11
C ASP B 187 -25.42 -18.14 34.71
N ALA B 188 -26.12 -18.82 33.81
CA ALA B 188 -26.10 -18.41 32.43
C ALA B 188 -26.68 -17.05 32.20
N ASP B 189 -27.70 -16.68 32.98
CA ASP B 189 -28.28 -15.35 32.74
C ASP B 189 -27.29 -14.26 33.24
N ALA B 190 -26.58 -14.51 34.31
CA ALA B 190 -25.53 -13.59 34.70
C ALA B 190 -24.43 -13.48 33.66
N ASP B 191 -24.07 -14.62 33.11
CA ASP B 191 -23.07 -14.66 32.02
C ASP B 191 -23.54 -13.79 30.85
N ASP B 192 -24.72 -14.10 30.34
CA ASP B 192 -25.30 -13.28 29.26
C ASP B 192 -25.32 -11.75 29.62
N ALA B 193 -25.75 -11.41 30.80
CA ALA B 193 -25.85 -9.95 31.23
C ALA B 193 -24.47 -9.27 31.18
N GLU B 194 -23.45 -9.98 31.67
CA GLU B 194 -22.10 -9.43 31.66
C GLU B 194 -21.57 -9.23 30.21
N TRP B 195 -21.75 -10.27 29.40
CA TRP B 195 -21.42 -10.10 27.96
C TRP B 195 -22.17 -8.98 27.25
N ASP B 196 -23.46 -8.86 27.53
CA ASP B 196 -24.24 -7.78 26.90
C ASP B 196 -23.66 -6.40 27.32
N ARG B 197 -23.35 -6.24 28.62
CA ARG B 197 -22.72 -5.00 29.09
C ARG B 197 -21.43 -4.72 28.40
N LEU B 198 -20.55 -5.71 28.35
CA LEU B 198 -19.24 -5.49 27.76
C LEU B 198 -19.37 -5.29 26.23
N TYR B 199 -20.19 -6.11 25.55
CA TYR B 199 -20.32 -5.94 24.10
C TYR B 199 -20.91 -4.56 23.79
N THR B 200 -21.87 -4.10 24.58
CA THR B 200 -22.52 -2.80 24.31
C THR B 200 -21.48 -1.71 24.39
N LYS B 201 -20.59 -1.80 25.40
CA LYS B 201 -19.49 -0.85 25.51
C LYS B 201 -18.51 -0.91 24.31
N ALA B 202 -18.17 -2.11 23.87
CA ALA B 202 -17.23 -2.35 22.78
C ALA B 202 -17.79 -1.75 21.49
N GLU B 203 -19.10 -1.97 21.28
CA GLU B 203 -19.81 -1.41 20.14
C GLU B 203 -19.78 0.11 20.14
N SER B 204 -19.96 0.73 21.29
CA SER B 204 -19.75 2.15 21.33
C SER B 204 -18.31 2.58 20.95
N TYR B 205 -17.31 1.89 21.47
CA TYR B 205 -15.95 2.25 21.18
C TYR B 205 -15.64 2.20 19.69
N PHE B 206 -16.07 1.11 19.06
CA PHE B 206 -15.88 0.96 17.65
C PHE B 206 -16.87 1.72 16.73
N GLN B 207 -17.97 2.27 17.24
CA GLN B 207 -19.06 2.88 16.47
C GLN B 207 -19.71 1.85 15.57
N THR B 208 -20.00 0.69 16.15
CA THR B 208 -20.66 -0.38 15.42
C THR B 208 -22.09 0.01 15.17
N GLY B 209 -22.56 -0.32 13.99
CA GLY B 209 -23.98 -0.06 13.57
C GLY B 209 -24.40 -1.09 12.56
N THR B 210 -25.71 -1.15 12.26
CA THR B 210 -26.31 -2.12 11.34
C THR B 210 -27.19 -1.50 10.27
N ASP B 211 -27.02 -0.19 10.04
CA ASP B 211 -27.81 0.44 8.99
C ASP B 211 -27.13 1.40 8.07
N GLN B 212 -25.78 1.37 8.05
CA GLN B 212 -25.09 2.26 7.14
C GLN B 212 -25.25 1.96 5.66
N PHE B 213 -25.78 0.78 5.35
CA PHE B 213 -25.94 0.36 3.93
C PHE B 213 -27.38 0.24 3.55
N LYS B 214 -28.26 0.83 4.36
CA LYS B 214 -29.70 0.55 4.19
C LYS B 214 -30.22 1.13 2.87
N GLU B 215 -29.51 2.12 2.32
CA GLU B 215 -29.95 2.76 1.06
C GLU B 215 -29.37 2.13 -0.21
N SER B 216 -28.64 1.07 -0.04
CA SER B 216 -28.14 0.29 -1.19
C SER B 216 -29.17 -0.61 -1.83
N ILE B 217 -29.29 -0.48 -3.12
CA ILE B 217 -30.21 -1.30 -3.89
C ILE B 217 -29.64 -2.70 -3.94
N ARG B 218 -28.37 -2.84 -4.23
CA ARG B 218 -27.75 -4.20 -4.30
C ARG B 218 -27.84 -4.90 -2.95
N HIS B 219 -27.62 -4.16 -1.87
CA HIS B 219 -27.72 -4.72 -0.52
C HIS B 219 -29.08 -5.28 -0.28
N ASN B 220 -30.09 -4.46 -0.49
CA ASN B 220 -31.46 -4.91 -0.26
C ASN B 220 -31.97 -6.01 -1.21
N LEU B 221 -31.61 -5.89 -2.50
CA LEU B 221 -31.87 -6.98 -3.44
C LEU B 221 -31.43 -8.34 -2.89
N VAL B 222 -30.18 -8.40 -2.42
CA VAL B 222 -29.61 -9.66 -1.99
C VAL B 222 -30.23 -10.06 -0.66
N LEU B 223 -30.28 -9.10 0.26
CA LEU B 223 -30.85 -9.35 1.57
C LEU B 223 -32.26 -9.90 1.47
N ASN B 224 -33.11 -9.25 0.71
CA ASN B 224 -34.45 -9.63 0.62
C ASN B 224 -34.64 -11.01 -0.05
N LYS B 225 -33.85 -11.31 -1.05
CA LYS B 225 -33.93 -12.59 -1.78
C LYS B 225 -33.62 -13.74 -0.77
N LEU B 226 -32.50 -13.62 -0.06
CA LEU B 226 -32.11 -14.62 0.93
C LEU B 226 -33.18 -14.77 2.04
N THR B 227 -33.77 -13.65 2.48
CA THR B 227 -34.83 -13.74 3.50
C THR B 227 -35.99 -14.56 2.98
N GLU B 228 -36.40 -14.29 1.76
CA GLU B 228 -37.46 -15.02 1.16
C GLU B 228 -37.13 -16.49 0.96
N GLU B 229 -35.96 -16.77 0.43
CA GLU B 229 -35.61 -18.21 0.06
C GLU B 229 -35.55 -19.06 1.35
N TYR B 230 -35.14 -18.46 2.46
CA TYR B 230 -34.99 -19.23 3.74
C TYR B 230 -36.08 -18.88 4.72
N LYS B 231 -37.22 -18.48 4.19
CA LYS B 231 -38.25 -17.96 5.06
C LYS B 231 -38.47 -18.76 6.32
N GLY B 232 -38.18 -18.27 7.50
CA GLY B 232 -38.55 -19.21 8.60
C GLY B 232 -37.56 -20.40 8.78
N GLN B 233 -36.37 -20.28 8.19
CA GLN B 233 -35.35 -21.24 8.50
C GLN B 233 -34.10 -20.54 8.97
N ARG B 234 -33.78 -19.39 8.39
CA ARG B 234 -32.59 -18.66 8.80
C ARG B 234 -32.93 -17.16 8.65
N ASP B 235 -32.27 -16.37 9.45
CA ASP B 235 -32.48 -14.93 9.51
C ASP B 235 -31.28 -14.23 8.88
N PHE B 236 -31.56 -13.23 8.05
CA PHE B 236 -30.55 -12.43 7.42
C PHE B 236 -30.64 -10.99 7.90
N GLN B 237 -29.51 -10.36 8.02
CA GLN B 237 -29.49 -8.94 8.45
C GLN B 237 -28.25 -8.24 7.86
N GLN B 238 -28.11 -6.90 8.00
CA GLN B 238 -26.82 -6.28 7.65
C GLN B 238 -25.67 -6.78 8.61
N ILE B 239 -24.49 -7.03 8.05
CA ILE B 239 -23.34 -7.25 8.86
C ILE B 239 -23.19 -6.10 9.83
N PRO B 240 -23.01 -6.34 11.15
CA PRO B 240 -22.70 -5.19 12.05
C PRO B 240 -21.31 -4.70 11.69
N LEU B 241 -21.21 -3.42 11.37
CA LEU B 241 -19.98 -2.83 10.87
C LEU B 241 -19.55 -1.65 11.71
N ALA B 242 -18.24 -1.63 12.00
CA ALA B 242 -17.68 -0.54 12.77
C ALA B 242 -17.36 0.56 11.77
N ALA B 243 -18.31 1.49 11.62
CA ALA B 243 -18.24 2.48 10.54
C ALA B 243 -19.29 3.53 10.77
N THR B 244 -19.08 4.73 10.22
CA THR B 244 -20.02 5.83 10.24
C THR B 244 -20.07 6.41 8.80
N ARG B 245 -21.26 6.38 8.22
CA ARG B 245 -21.48 6.96 6.91
C ARG B 245 -21.41 8.47 7.03
N ARG B 246 -20.65 9.08 6.14
CA ARG B 246 -20.57 10.52 6.04
C ARG B 246 -21.30 11.14 4.90
N SER B 247 -21.51 10.41 3.80
CA SER B 247 -22.31 10.88 2.65
C SER B 247 -22.71 9.64 1.87
N PRO B 248 -23.48 9.80 0.79
CA PRO B 248 -23.88 8.62 0.02
C PRO B 248 -22.73 7.86 -0.60
N THR B 249 -21.57 8.50 -0.70
CA THR B 249 -20.42 7.87 -1.34
C THR B 249 -19.19 7.77 -0.46
N PHE B 250 -19.32 8.10 0.82
CA PHE B 250 -18.15 8.07 1.73
C PHE B 250 -18.52 7.44 3.08
N VAL B 251 -17.79 6.40 3.46
CA VAL B 251 -17.97 5.79 4.77
C VAL B 251 -16.69 5.93 5.56
N GLU B 252 -16.77 6.43 6.79
CA GLU B 252 -15.63 6.52 7.66
C GLU B 252 -15.55 5.21 8.37
N TRP B 253 -14.68 4.32 7.89
CA TRP B 253 -14.46 3.04 8.49
C TRP B 253 -13.72 3.21 9.84
N SER B 254 -14.12 2.48 10.87
CA SER B 254 -13.47 2.58 12.17
C SER B 254 -12.18 1.85 12.18
N SER B 255 -11.43 2.12 13.23
CA SER B 255 -10.10 1.61 13.40
C SER B 255 -9.68 1.86 14.89
N ALA B 256 -8.46 1.49 15.21
CA ALA B 256 -7.87 1.85 16.47
C ALA B 256 -8.05 3.37 16.79
N ASN B 257 -7.81 4.22 15.79
CA ASN B 257 -7.99 5.65 16.00
C ASN B 257 -9.35 6.04 16.53
N THR B 258 -10.35 5.27 16.10
CA THR B 258 -11.75 5.47 16.55
C THR B 258 -11.84 5.22 18.08
N VAL B 259 -11.15 4.15 18.49
CA VAL B 259 -11.12 3.73 19.88
C VAL B 259 -10.37 4.79 20.75
N PHE B 260 -9.23 5.18 20.23
CA PHE B 260 -8.34 6.13 20.91
C PHE B 260 -7.52 6.85 19.91
N ASP B 261 -7.50 8.18 19.97
CA ASP B 261 -6.90 8.95 18.88
C ASP B 261 -5.33 8.97 18.79
N LEU B 262 -4.72 8.36 19.75
CA LEU B 262 -3.29 8.12 19.82
C LEU B 262 -2.42 9.38 19.90
N GLN B 263 -3.04 10.55 20.13
CA GLN B 263 -2.31 11.84 20.36
C GLN B 263 -1.68 11.88 21.73
N ASN B 264 -0.46 12.42 21.81
CA ASN B 264 0.23 12.55 23.09
C ASN B 264 -0.55 13.49 23.95
N ARG B 265 -0.61 13.15 25.25
CA ARG B 265 -1.31 13.93 26.23
C ARG B 265 -0.35 14.24 27.31
N PRO B 266 -0.49 15.41 27.97
CA PRO B 266 -1.56 16.37 27.96
C PRO B 266 -1.62 17.12 26.68
N ASN B 267 -2.81 17.50 26.27
CA ASN B 267 -2.97 18.36 25.13
C ASN B 267 -4.19 19.21 25.36
N THR B 268 -4.47 20.12 24.44
CA THR B 268 -5.53 21.10 24.67
C THR B 268 -6.93 20.52 24.98
N ASP B 269 -7.29 19.45 24.27
CA ASP B 269 -8.56 18.77 24.44
C ASP B 269 -8.53 17.87 25.65
N ALA B 270 -7.35 17.50 26.11
CA ALA B 270 -7.28 16.64 27.27
C ALA B 270 -6.16 17.07 28.18
N PRO B 271 -6.32 18.20 28.85
CA PRO B 271 -5.20 18.77 29.63
C PRO B 271 -4.72 17.99 30.87
N GLU B 272 -5.57 17.16 31.45
CA GLU B 272 -5.19 16.39 32.63
C GLU B 272 -4.88 14.92 32.31
N GLU B 273 -4.85 14.56 31.04
CA GLU B 273 -4.52 13.18 30.66
C GLU B 273 -3.03 13.08 30.32
N ARG B 274 -2.46 11.90 30.55
CA ARG B 274 -1.04 11.59 30.23
C ARG B 274 -0.85 10.31 29.38
N PHE B 275 -0.36 10.51 28.17
CA PHE B 275 -0.18 9.44 27.20
C PHE B 275 0.95 9.76 26.26
N ASN B 276 1.83 8.80 26.08
CA ASN B 276 2.86 8.91 25.09
C ASN B 276 2.88 7.63 24.25
N LEU B 277 2.86 7.80 22.94
CA LEU B 277 3.02 6.73 21.95
C LEU B 277 4.44 6.81 21.42
N PHE B 278 5.12 5.66 21.41
CA PHE B 278 6.46 5.51 20.91
C PHE B 278 6.50 4.51 19.75
N PRO B 279 6.43 5.02 18.50
CA PRO B 279 6.53 4.11 17.38
C PRO B 279 7.96 3.70 17.09
N ALA B 280 8.13 2.72 16.21
CA ALA B 280 9.45 2.13 15.92
C ALA B 280 10.25 1.69 17.14
N VAL B 281 9.56 0.97 18.03
CA VAL B 281 10.20 0.43 19.19
C VAL B 281 9.79 -1.00 19.36
N ALA B 282 10.73 -1.90 19.13
CA ALA B 282 10.53 -3.33 19.31
C ALA B 282 10.56 -3.64 20.76
N CYS B 283 9.47 -4.20 21.26
CA CYS B 283 9.50 -4.69 22.62
C CYS B 283 9.96 -6.16 22.61
N GLU B 284 10.96 -6.46 23.47
CA GLU B 284 11.64 -7.73 23.36
C GLU B 284 11.41 -8.71 24.52
N ARG B 285 11.29 -8.20 25.73
CA ARG B 285 11.08 -9.07 26.89
C ARG B 285 10.37 -8.33 28.02
N VAL B 286 9.60 -9.07 28.80
CA VAL B 286 9.24 -8.56 30.10
C VAL B 286 10.09 -9.40 31.10
N VAL B 287 10.65 -8.72 32.08
CA VAL B 287 11.58 -9.35 33.04
C VAL B 287 10.72 -9.84 34.23
N ARG B 288 10.75 -11.12 34.43
CA ARG B 288 10.10 -11.70 35.60
C ARG B 288 10.99 -11.60 36.79
N ASN B 289 10.38 -11.35 37.94
CA ASN B 289 11.03 -11.57 39.26
C ASN B 289 11.33 -13.08 39.47
N ALA B 290 12.18 -13.46 40.43
CA ALA B 290 12.54 -14.88 40.49
C ALA B 290 11.37 -15.71 40.98
N LEU B 291 10.43 -15.03 41.68
CA LEU B 291 9.19 -15.62 42.27
C LEU B 291 8.15 -15.97 41.21
N ASN B 292 8.30 -15.40 40.01
CA ASN B 292 7.27 -15.44 38.99
C ASN B 292 5.94 -14.91 39.52
N SER B 293 5.97 -13.78 40.20
CA SER B 293 4.73 -13.18 40.67
C SER B 293 4.55 -11.79 40.19
N GLU B 294 5.57 -11.22 39.55
CA GLU B 294 5.49 -9.86 39.06
C GLU B 294 6.38 -9.65 37.87
N ILE B 295 5.98 -8.73 37.00
CA ILE B 295 6.90 -8.24 35.99
C ILE B 295 7.64 -7.00 36.54
N GLU B 296 8.96 -6.95 36.35
CA GLU B 296 9.79 -5.87 36.91
C GLU B 296 10.17 -4.73 35.93
N SER B 297 10.16 -5.04 34.65
CA SER B 297 10.56 -4.08 33.59
C SER B 297 10.22 -4.62 32.22
N LEU B 298 10.24 -3.73 31.21
CA LEU B 298 9.96 -4.10 29.85
C LEU B 298 11.21 -3.71 29.09
N HIS B 299 11.86 -4.68 28.41
CA HIS B 299 13.04 -4.37 27.63
C HIS B 299 12.67 -4.01 26.19
N ILE B 300 13.14 -2.85 25.73
CA ILE B 300 12.81 -2.37 24.40
C ILE B 300 14.04 -2.03 23.56
N HIS B 301 13.85 -2.01 22.25
CA HIS B 301 14.87 -1.69 21.29
C HIS B 301 14.35 -0.60 20.40
N ASP B 302 14.96 0.57 20.51
CA ASP B 302 14.60 1.70 19.65
C ASP B 302 15.18 1.49 18.28
N LEU B 303 14.32 1.32 17.29
CA LEU B 303 14.80 0.89 16.02
C LEU B 303 15.48 1.99 15.28
N ILE B 304 15.22 3.23 15.64
CA ILE B 304 15.75 4.33 14.83
C ILE B 304 17.13 4.64 15.38
N SER B 305 17.27 4.78 16.68
CA SER B 305 18.63 4.98 17.22
C SER B 305 19.44 3.68 17.35
N GLY B 306 18.81 2.49 17.41
CA GLY B 306 19.58 1.29 17.72
C GLY B 306 19.69 0.92 19.21
N ASP B 307 19.40 1.86 20.09
CA ASP B 307 19.63 1.66 21.50
C ASP B 307 18.56 0.81 22.17
N ARG B 308 19.00 0.15 23.24
CA ARG B 308 18.15 -0.63 24.07
C ARG B 308 17.97 0.01 25.46
N PHE B 309 16.73 -0.01 25.95
CA PHE B 309 16.36 0.52 27.25
C PHE B 309 15.46 -0.47 28.04
N GLU B 310 15.34 -0.15 29.34
CA GLU B 310 14.54 -0.88 30.33
C GLU B 310 13.44 0.18 30.68
N ILE B 311 12.17 -0.21 30.55
CA ILE B 311 11.07 0.66 30.91
C ILE B 311 10.34 0.07 32.12
N LYS B 312 10.04 0.89 33.15
CA LYS B 312 9.39 0.41 34.40
C LYS B 312 7.95 0.90 34.43
N ALA B 313 7.02 0.04 34.80
CA ALA B 313 5.61 0.44 34.97
C ALA B 313 5.04 -0.31 36.19
N ASP B 314 3.88 0.09 36.69
CA ASP B 314 3.19 -0.67 37.70
C ASP B 314 2.44 -1.82 37.03
N VAL B 315 2.02 -1.58 35.79
CA VAL B 315 1.18 -2.50 35.04
C VAL B 315 1.68 -2.65 33.62
N TYR B 316 1.75 -3.90 33.18
CA TYR B 316 2.19 -4.25 31.86
C TYR B 316 1.10 -4.98 31.12
N VAL B 317 0.88 -4.53 29.90
CA VAL B 317 -0.25 -5.02 29.09
C VAL B 317 0.34 -5.36 27.70
N LEU B 318 0.21 -6.61 27.31
CA LEU B 318 0.68 -7.03 26.00
C LEU B 318 -0.48 -7.20 25.04
N THR B 319 -0.45 -6.38 24.01
CA THR B 319 -1.49 -6.35 22.97
C THR B 319 -0.82 -6.33 21.58
N ALA B 320 0.11 -7.27 21.41
CA ALA B 320 0.91 -7.35 20.19
C ALA B 320 0.43 -8.25 19.06
N GLY B 321 -0.75 -8.78 19.24
CA GLY B 321 -1.34 -9.75 18.40
C GLY B 321 -1.16 -11.16 18.89
N ALA B 322 -1.99 -12.08 18.39
CA ALA B 322 -1.96 -13.49 18.76
C ALA B 322 -0.62 -14.17 18.59
N VAL B 323 0.09 -13.82 17.54
CA VAL B 323 1.45 -14.37 17.32
C VAL B 323 2.47 -13.67 18.17
N HIS B 324 2.54 -12.36 18.06
CA HIS B 324 3.60 -11.67 18.81
C HIS B 324 3.49 -11.57 20.34
N ASN B 325 2.30 -11.66 20.90
CA ASN B 325 2.16 -11.78 22.34
C ASN B 325 2.93 -13.04 22.80
N THR B 326 2.71 -14.11 22.06
CA THR B 326 3.15 -15.39 22.42
C THR B 326 4.68 -15.36 22.29
N GLN B 327 5.17 -14.76 21.20
CA GLN B 327 6.60 -14.61 21.00
C GLN B 327 7.29 -13.85 22.12
N LEU B 328 6.71 -12.74 22.52
CA LEU B 328 7.33 -11.93 23.53
C LEU B 328 7.39 -12.72 24.86
N LEU B 329 6.31 -13.45 25.17
CA LEU B 329 6.22 -14.20 26.43
C LEU B 329 7.23 -15.36 26.39
N VAL B 330 7.32 -16.03 25.21
CA VAL B 330 8.32 -17.08 25.16
C VAL B 330 9.77 -16.56 25.28
N ASN B 331 10.07 -15.41 24.69
CA ASN B 331 11.40 -14.80 24.76
C ASN B 331 11.69 -14.31 26.14
N SER B 332 10.66 -14.27 26.97
CA SER B 332 10.76 -13.87 28.39
C SER B 332 10.74 -15.01 29.45
N GLY B 333 10.82 -16.25 28.98
CA GLY B 333 10.85 -17.41 29.83
C GLY B 333 9.56 -18.08 30.17
N PHE B 334 8.47 -17.64 29.55
CA PHE B 334 7.20 -18.30 29.69
C PHE B 334 7.13 -19.44 28.68
N GLY B 335 6.34 -20.47 29.02
CA GLY B 335 6.21 -21.64 28.15
C GLY B 335 7.56 -22.23 27.86
N GLN B 336 7.73 -22.65 26.62
CA GLN B 336 8.93 -23.41 26.28
C GLN B 336 9.47 -22.92 24.92
N LEU B 337 10.73 -22.55 24.90
CA LEU B 337 11.44 -22.30 23.67
C LEU B 337 11.85 -23.59 22.92
N GLY B 338 11.82 -23.57 21.58
CA GLY B 338 12.30 -24.71 20.79
C GLY B 338 11.17 -25.67 20.47
N ARG B 339 11.48 -26.69 19.71
CA ARG B 339 10.52 -27.71 19.28
C ARG B 339 9.93 -28.37 20.54
N PRO B 340 8.61 -28.40 20.63
CA PRO B 340 7.93 -29.00 21.76
C PRO B 340 8.47 -30.33 22.13
N ASN B 341 8.73 -30.53 23.42
CA ASN B 341 9.22 -31.80 23.89
C ASN B 341 8.46 -32.16 25.18
N PRO B 342 7.44 -33.01 25.07
CA PRO B 342 6.55 -33.40 26.17
C PRO B 342 7.29 -34.12 27.29
N ALA B 343 8.51 -34.58 27.02
CA ALA B 343 9.37 -35.18 28.05
C ALA B 343 10.04 -34.14 28.96
N ASN B 344 9.75 -32.87 28.72
CA ASN B 344 10.00 -31.89 29.77
C ASN B 344 9.12 -30.67 29.58
N PRO B 345 7.82 -30.84 29.91
CA PRO B 345 6.88 -29.73 29.82
C PRO B 345 7.47 -28.51 30.54
N PRO B 346 7.13 -27.29 30.08
CA PRO B 346 7.64 -26.11 30.74
C PRO B 346 7.12 -25.97 32.14
N GLU B 347 7.78 -25.12 32.91
CA GLU B 347 7.42 -24.87 34.26
C GLU B 347 6.29 -23.83 34.31
N LEU B 348 6.49 -22.75 33.58
CA LEU B 348 5.61 -21.62 33.58
C LEU B 348 4.69 -21.64 32.35
N LEU B 349 3.40 -21.40 32.56
CA LEU B 349 2.35 -21.42 31.50
C LEU B 349 2.51 -22.51 30.51
N PRO B 350 2.34 -23.74 30.93
CA PRO B 350 2.51 -24.88 30.04
C PRO B 350 1.52 -24.88 28.87
N SER B 351 0.35 -24.21 28.97
CA SER B 351 -0.60 -24.17 27.86
C SER B 351 -0.34 -23.10 26.80
N LEU B 352 0.62 -22.22 27.08
CA LEU B 352 0.96 -21.16 26.15
C LEU B 352 1.35 -21.77 24.81
N GLY B 353 0.75 -21.25 23.77
CA GLY B 353 0.99 -21.67 22.37
C GLY B 353 0.41 -23.03 21.98
N SER B 354 -0.36 -23.66 22.89
CA SER B 354 -1.12 -24.85 22.58
C SER B 354 -2.57 -24.54 22.46
N TYR B 355 -3.32 -25.47 21.91
CA TYR B 355 -4.75 -25.30 21.71
C TYR B 355 -5.03 -24.12 20.78
N ILE B 356 -4.17 -23.86 19.80
CA ILE B 356 -4.40 -22.75 18.92
C ILE B 356 -5.55 -23.08 17.93
N THR B 357 -6.31 -22.03 17.57
CA THR B 357 -7.46 -22.24 16.68
C THR B 357 -7.26 -21.24 15.53
N GLU B 358 -7.59 -21.70 14.35
CA GLU B 358 -7.71 -20.81 13.20
C GLU B 358 -8.92 -21.31 12.43
N GLN B 359 -9.69 -20.36 11.89
CA GLN B 359 -10.95 -20.71 11.20
C GLN B 359 -10.72 -21.24 9.81
N SER B 360 -11.48 -22.26 9.38
CA SER B 360 -11.54 -22.60 7.92
C SER B 360 -12.25 -21.50 7.22
N LEU B 361 -11.77 -21.12 6.03
CA LEU B 361 -12.44 -20.06 5.30
C LEU B 361 -12.67 -20.61 3.86
N VAL B 362 -13.89 -20.46 3.37
CA VAL B 362 -14.28 -20.70 1.97
C VAL B 362 -14.75 -19.40 1.29
N PHE B 363 -14.47 -19.30 0.00
CA PHE B 363 -14.71 -18.03 -0.70
C PHE B 363 -15.14 -18.30 -2.09
N CYS B 364 -16.07 -17.50 -2.56
CA CYS B 364 -16.38 -17.47 -4.02
C CYS B 364 -16.96 -16.12 -4.36
N GLN B 365 -17.02 -15.83 -5.66
CA GLN B 365 -17.88 -14.69 -6.02
C GLN B 365 -18.99 -15.10 -6.95
N THR B 366 -20.08 -14.36 -6.99
CA THR B 366 -21.21 -14.65 -7.95
C THR B 366 -21.48 -13.47 -8.86
N VAL B 367 -22.19 -13.75 -9.94
CA VAL B 367 -22.69 -12.71 -10.85
C VAL B 367 -24.22 -12.77 -10.79
N MET B 368 -24.82 -11.66 -10.48
CA MET B 368 -26.24 -11.54 -10.09
C MET B 368 -27.12 -12.17 -11.16
N SER B 369 -28.13 -12.92 -10.74
CA SER B 369 -29.05 -13.52 -11.70
C SER B 369 -29.90 -12.49 -12.49
N THR B 370 -30.22 -12.86 -13.68
CA THR B 370 -31.08 -12.10 -14.58
C THR B 370 -32.39 -11.79 -13.89
N GLU B 371 -32.94 -12.78 -13.18
CA GLU B 371 -34.21 -12.59 -12.49
C GLU B 371 -34.11 -11.51 -11.46
N LEU B 372 -33.02 -11.50 -10.69
CA LEU B 372 -32.79 -10.45 -9.68
C LEU B 372 -32.61 -9.09 -10.32
N ILE B 373 -31.86 -9.01 -11.39
CA ILE B 373 -31.66 -7.72 -12.10
C ILE B 373 -33.00 -7.22 -12.65
N ASP B 374 -33.73 -8.06 -13.34
CA ASP B 374 -35.04 -7.61 -13.84
C ASP B 374 -35.95 -7.14 -12.66
N SER B 375 -35.88 -7.85 -11.50
CA SER B 375 -36.72 -7.44 -10.36
C SER B 375 -36.44 -6.01 -9.89
N VAL B 376 -35.23 -5.49 -10.05
CA VAL B 376 -34.88 -4.12 -9.59
C VAL B 376 -35.80 -3.10 -10.25
N LYS B 377 -36.15 -3.36 -11.52
CA LYS B 377 -36.95 -2.45 -12.36
C LYS B 377 -38.40 -2.89 -12.53
N SER B 378 -38.91 -3.72 -11.61
CA SER B 378 -40.21 -4.36 -11.89
C SER B 378 -41.34 -3.37 -11.88
N ASP B 379 -41.15 -2.24 -11.23
CA ASP B 379 -42.18 -1.20 -11.09
C ASP B 379 -42.25 -0.24 -12.28
N MET B 380 -41.29 -0.35 -13.20
CA MET B 380 -41.15 0.63 -14.24
C MET B 380 -42.02 0.26 -15.39
N THR B 381 -42.64 1.28 -16.00
CA THR B 381 -43.22 1.19 -17.30
C THR B 381 -42.25 1.76 -18.33
N ILE B 382 -41.92 0.97 -19.34
CA ILE B 382 -40.96 1.36 -20.32
C ILE B 382 -41.62 1.51 -21.67
N ARG B 383 -41.45 2.66 -22.30
CA ARG B 383 -41.94 2.89 -23.65
C ARG B 383 -40.74 3.25 -24.53
N GLY B 384 -40.67 2.70 -25.74
CA GLY B 384 -39.60 3.05 -26.69
C GLY B 384 -38.30 2.30 -26.48
N THR B 385 -37.27 2.73 -27.19
CA THR B 385 -35.99 2.07 -27.20
C THR B 385 -34.94 3.01 -26.64
N PRO B 386 -34.06 2.52 -25.77
CA PRO B 386 -33.11 3.48 -25.24
C PRO B 386 -32.40 4.28 -26.32
N GLY B 387 -32.18 5.57 -26.07
CA GLY B 387 -31.54 6.44 -27.05
C GLY B 387 -32.52 7.10 -28.01
N GLU B 388 -33.75 6.63 -28.13
CA GLU B 388 -34.75 7.35 -28.95
C GLU B 388 -35.31 8.56 -28.20
N LEU B 389 -35.75 9.57 -28.95
CA LEU B 389 -36.38 10.76 -28.41
C LEU B 389 -37.66 10.45 -27.59
N THR B 390 -38.35 9.35 -27.92
CA THR B 390 -39.59 8.94 -27.24
C THR B 390 -39.35 8.04 -26.03
N TYR B 391 -38.09 7.71 -25.75
CA TYR B 391 -37.83 6.75 -24.71
C TYR B 391 -38.31 7.27 -23.36
N SER B 392 -39.00 6.40 -22.61
CA SER B 392 -39.65 6.77 -21.35
C SER B 392 -39.60 5.63 -20.36
N VAL B 393 -39.04 5.90 -19.20
CA VAL B 393 -39.05 4.96 -18.06
C VAL B 393 -39.80 5.71 -16.94
N THR B 394 -40.99 5.24 -16.56
CA THR B 394 -41.76 5.90 -15.55
C THR B 394 -42.23 4.89 -14.47
N TYR B 395 -42.59 5.39 -13.30
CA TYR B 395 -43.34 4.55 -12.32
C TYR B 395 -44.32 5.45 -11.62
N THR B 396 -45.23 4.89 -10.84
CA THR B 396 -46.21 5.70 -10.16
C THR B 396 -45.90 5.81 -8.70
N PRO B 397 -45.49 7.02 -8.24
CA PRO B 397 -45.22 7.07 -6.83
C PRO B 397 -46.43 6.71 -5.99
N GLY B 398 -46.18 5.91 -4.94
CA GLY B 398 -47.17 5.49 -3.95
C GLY B 398 -48.22 4.46 -4.37
N ALA B 399 -48.08 3.88 -5.55
CA ALA B 399 -48.98 2.86 -6.00
C ALA B 399 -48.88 1.60 -5.18
N SER B 400 -50.04 1.10 -4.83
CA SER B 400 -50.21 -0.02 -3.97
C SER B 400 -49.64 -1.24 -4.62
N THR B 401 -49.63 -1.28 -5.94
CA THR B 401 -49.09 -2.43 -6.65
C THR B 401 -47.55 -2.39 -6.77
N ASN B 402 -46.89 -1.36 -6.25
CA ASN B 402 -45.40 -1.28 -6.38
C ASN B 402 -44.75 -2.25 -5.45
N LYS B 403 -43.67 -2.86 -5.89
CA LYS B 403 -42.93 -3.83 -5.04
C LYS B 403 -41.78 -3.18 -4.34
N HIS B 404 -41.50 -1.93 -4.68
CA HIS B 404 -40.40 -1.21 -4.02
C HIS B 404 -40.81 0.14 -3.52
N PRO B 405 -40.07 0.67 -2.54
CA PRO B 405 -40.41 2.01 -2.07
C PRO B 405 -40.12 3.07 -3.14
N ASP B 406 -40.72 4.24 -2.95
CA ASP B 406 -40.55 5.33 -3.89
C ASP B 406 -39.07 5.70 -4.07
N TRP B 407 -38.29 5.75 -3.01
CA TRP B 407 -36.89 6.20 -3.17
C TRP B 407 -36.06 5.29 -4.12
N TRP B 408 -36.35 4.01 -4.06
CA TRP B 408 -35.71 3.00 -4.88
C TRP B 408 -36.09 3.24 -6.31
N ASN B 409 -37.41 3.28 -6.56
CA ASN B 409 -37.88 3.58 -7.90
C ASN B 409 -37.37 4.90 -8.46
N GLU B 410 -37.20 5.94 -7.63
CA GLU B 410 -36.69 7.17 -8.18
C GLU B 410 -35.22 7.02 -8.62
N LYS B 411 -34.44 6.32 -7.81
CA LYS B 411 -33.04 6.04 -8.21
C LYS B 411 -32.93 5.25 -9.51
N VAL B 412 -33.77 4.23 -9.65
CA VAL B 412 -33.71 3.33 -10.85
C VAL B 412 -34.16 4.12 -12.07
N LYS B 413 -35.26 4.87 -11.93
CA LYS B 413 -35.77 5.67 -13.02
C LYS B 413 -34.76 6.68 -13.51
N ASN B 414 -34.13 7.42 -12.56
CA ASN B 414 -33.18 8.43 -12.94
C ASN B 414 -31.93 7.80 -13.62
N HIS B 415 -31.44 6.68 -13.10
CA HIS B 415 -30.31 6.01 -13.72
C HIS B 415 -30.66 5.60 -15.17
N MET B 416 -31.84 4.96 -15.35
CA MET B 416 -32.28 4.46 -16.67
C MET B 416 -32.46 5.57 -17.64
N MET B 417 -32.96 6.72 -17.16
CA MET B 417 -33.19 7.83 -18.02
C MET B 417 -31.95 8.64 -18.32
N GLN B 418 -31.04 8.78 -17.37
CA GLN B 418 -29.89 9.61 -17.51
C GLN B 418 -28.74 8.85 -18.18
N HIS B 419 -28.78 7.51 -18.13
CA HIS B 419 -27.74 6.65 -18.69
C HIS B 419 -28.33 5.60 -19.62
N GLN B 420 -28.80 6.10 -20.77
CA GLN B 420 -29.50 5.24 -21.68
C GLN B 420 -28.57 4.32 -22.44
N GLU B 421 -27.26 4.55 -22.35
CA GLU B 421 -26.31 3.64 -22.94
C GLU B 421 -26.01 2.44 -22.03
N ASP B 422 -26.50 2.47 -20.80
CA ASP B 422 -26.14 1.47 -19.79
C ASP B 422 -27.29 0.44 -19.67
N PRO B 423 -26.96 -0.81 -19.71
CA PRO B 423 -28.04 -1.79 -19.77
C PRO B 423 -28.54 -2.28 -18.42
N LEU B 424 -28.00 -1.78 -17.34
CA LEU B 424 -28.39 -2.24 -15.96
C LEU B 424 -29.23 -1.17 -15.28
N PRO B 425 -30.13 -1.59 -14.33
CA PRO B 425 -31.00 -0.63 -13.64
C PRO B 425 -30.43 -0.13 -12.32
N ILE B 426 -29.24 -0.59 -11.97
CA ILE B 426 -28.58 -0.26 -10.70
C ILE B 426 -27.78 1.00 -10.89
N PRO B 427 -28.00 1.99 -10.03
CA PRO B 427 -27.18 3.22 -10.15
C PRO B 427 -25.68 2.94 -10.04
N PHE B 428 -24.84 3.69 -10.74
CA PHE B 428 -23.40 3.60 -10.63
C PHE B 428 -22.82 3.76 -9.26
N GLU B 429 -23.32 4.67 -8.48
CA GLU B 429 -22.74 4.86 -7.16
C GLU B 429 -23.41 4.07 -6.05
N ASP B 430 -24.25 3.09 -6.40
CA ASP B 430 -24.94 2.26 -5.40
C ASP B 430 -23.95 1.58 -4.43
N PRO B 431 -24.12 1.81 -3.13
CA PRO B 431 -23.16 1.19 -2.18
C PRO B 431 -23.23 -0.38 -2.19
N GLU B 432 -22.14 -0.99 -1.69
CA GLU B 432 -21.94 -2.41 -1.69
C GLU B 432 -22.96 -3.17 -0.83
N PRO B 433 -23.28 -4.38 -1.17
CA PRO B 433 -24.04 -5.20 -0.22
C PRO B 433 -23.19 -5.63 0.97
N GLN B 434 -23.89 -5.81 2.12
CA GLN B 434 -23.25 -6.09 3.40
C GLN B 434 -24.18 -7.05 4.22
N VAL B 435 -24.34 -8.29 3.74
CA VAL B 435 -25.33 -9.16 4.32
C VAL B 435 -24.68 -10.29 5.13
N THR B 436 -25.37 -10.74 6.17
CA THR B 436 -24.99 -11.92 6.94
C THR B 436 -26.16 -12.74 7.37
N THR B 437 -26.01 -14.08 7.51
CA THR B 437 -26.79 -14.85 8.44
C THR B 437 -25.76 -15.36 9.49
N LEU B 438 -25.96 -14.96 10.73
CA LEU B 438 -25.05 -15.28 11.79
C LEU B 438 -25.07 -16.79 12.14
N PHE B 439 -23.93 -17.28 12.61
CA PHE B 439 -23.78 -18.56 13.16
C PHE B 439 -24.97 -19.02 14.02
N GLN B 440 -25.45 -20.22 13.72
CA GLN B 440 -26.38 -20.92 14.61
C GLN B 440 -26.03 -22.40 14.64
N PRO B 441 -26.56 -23.13 15.62
CA PRO B 441 -26.29 -24.56 15.69
C PRO B 441 -26.55 -25.33 14.46
N SER B 442 -27.61 -25.04 13.72
CA SER B 442 -27.87 -25.74 12.45
C SER B 442 -27.04 -25.25 11.27
N HIS B 443 -26.30 -24.14 11.42
CA HIS B 443 -25.39 -23.66 10.40
C HIS B 443 -24.24 -23.02 11.18
N PRO B 444 -23.32 -23.84 11.74
CA PRO B 444 -22.28 -23.38 12.71
C PRO B 444 -21.05 -22.75 12.04
N TRP B 445 -21.35 -21.76 11.22
CA TRP B 445 -20.36 -20.93 10.53
C TRP B 445 -20.86 -19.49 10.49
N HIS B 446 -19.93 -18.52 10.39
CA HIS B 446 -20.30 -17.13 10.18
C HIS B 446 -20.30 -16.93 8.65
N THR B 447 -21.11 -15.98 8.17
CA THR B 447 -21.19 -15.75 6.75
C THR B 447 -21.08 -14.20 6.50
N GLN B 448 -20.53 -13.85 5.35
CA GLN B 448 -20.44 -12.44 4.92
C GLN B 448 -20.69 -12.50 3.42
N ILE B 449 -21.70 -11.75 2.97
CA ILE B 449 -22.26 -11.82 1.60
C ILE B 449 -22.20 -10.34 1.22
N HIS B 450 -21.11 -9.92 0.58
CA HIS B 450 -20.77 -8.51 0.65
C HIS B 450 -19.84 -8.14 -0.48
N ARG B 451 -19.33 -6.94 -0.44
CA ARG B 451 -18.17 -6.57 -1.27
C ARG B 451 -17.24 -5.73 -0.41
N ASP B 452 -15.98 -6.11 -0.39
CA ASP B 452 -15.01 -5.30 0.31
C ASP B 452 -13.65 -5.80 -0.14
N ALA B 453 -12.63 -5.20 0.43
CA ALA B 453 -11.28 -5.41 0.01
C ALA B 453 -10.61 -6.29 1.06
N PHE B 454 -10.04 -7.40 0.61
CA PHE B 454 -9.22 -8.26 1.51
C PHE B 454 -8.01 -8.83 0.71
N SER B 455 -7.04 -9.45 1.34
CA SER B 455 -5.76 -9.65 0.61
C SER B 455 -5.91 -10.62 -0.58
N TYR B 456 -6.92 -11.50 -0.49
CA TYR B 456 -7.14 -12.65 -1.43
C TYR B 456 -8.18 -12.26 -2.40
N GLY B 457 -8.56 -10.97 -2.30
CA GLY B 457 -9.66 -10.44 -3.02
C GLY B 457 -9.46 -10.59 -4.51
N ALA B 458 -10.56 -10.59 -5.27
CA ALA B 458 -10.44 -10.73 -6.71
C ALA B 458 -10.80 -9.42 -7.42
N VAL B 459 -10.27 -9.24 -8.60
CA VAL B 459 -10.42 -7.99 -9.35
C VAL B 459 -10.36 -8.34 -10.85
N GLN B 460 -11.49 -8.12 -11.52
CA GLN B 460 -11.55 -8.37 -12.96
C GLN B 460 -12.29 -7.19 -13.57
N GLN B 461 -12.25 -7.05 -14.87
CA GLN B 461 -12.78 -5.86 -15.50
C GLN B 461 -13.84 -6.27 -16.48
N SER B 462 -13.98 -7.56 -16.72
CA SER B 462 -14.86 -8.01 -17.75
C SER B 462 -16.32 -7.97 -17.37
N ILE B 463 -16.60 -8.34 -16.15
CA ILE B 463 -18.00 -8.39 -15.73
C ILE B 463 -18.33 -7.10 -14.95
N ASP B 464 -19.48 -6.49 -15.18
CA ASP B 464 -19.78 -5.24 -14.44
C ASP B 464 -19.74 -5.40 -12.94
N SER B 465 -19.07 -4.49 -12.24
CA SER B 465 -18.93 -4.64 -10.80
C SER B 465 -20.24 -4.66 -10.01
N ARG B 466 -21.28 -4.05 -10.54
CA ARG B 466 -22.56 -3.99 -9.89
C ARG B 466 -23.18 -5.33 -9.77
N LEU B 467 -22.71 -6.29 -10.62
CA LEU B 467 -23.25 -7.62 -10.58
C LEU B 467 -22.60 -8.54 -9.53
N ILE B 468 -21.44 -8.17 -9.05
CA ILE B 468 -20.56 -9.05 -8.34
C ILE B 468 -20.84 -8.98 -6.79
N VAL B 469 -20.91 -10.17 -6.20
CA VAL B 469 -21.03 -10.32 -4.72
C VAL B 469 -19.98 -11.32 -4.26
N ASP B 470 -19.30 -11.00 -3.15
CA ASP B 470 -18.35 -11.90 -2.50
C ASP B 470 -19.10 -12.75 -1.42
N TRP B 471 -18.67 -14.00 -1.31
CA TRP B 471 -19.19 -14.93 -0.29
C TRP B 471 -18.04 -15.48 0.50
N ARG B 472 -18.06 -15.25 1.82
CA ARG B 472 -16.98 -15.68 2.69
C ARG B 472 -17.70 -16.36 3.85
N PHE B 473 -17.46 -17.67 3.99
CA PHE B 473 -18.02 -18.43 5.13
C PHE B 473 -16.84 -18.88 6.00
N PHE B 474 -16.99 -18.72 7.32
CA PHE B 474 -15.95 -18.86 8.26
C PHE B 474 -16.32 -19.98 9.28
N GLY B 475 -15.48 -20.99 9.41
CA GLY B 475 -15.77 -22.15 10.26
C GLY B 475 -15.21 -22.00 11.65
N ARG B 476 -15.71 -22.78 12.58
CA ARG B 476 -15.14 -22.79 13.95
C ARG B 476 -14.25 -23.98 14.13
N THR B 477 -13.13 -23.80 14.83
CA THR B 477 -12.15 -24.90 14.97
C THR B 477 -12.02 -25.34 16.40
N GLU B 478 -12.13 -26.64 16.63
CA GLU B 478 -12.05 -27.13 18.04
C GLU B 478 -10.66 -26.92 18.59
N PRO B 479 -10.51 -26.43 19.82
CA PRO B 479 -9.17 -26.33 20.37
C PRO B 479 -8.60 -27.68 20.69
N LYS B 480 -7.41 -27.94 20.20
CA LYS B 480 -6.72 -29.20 20.50
C LYS B 480 -5.28 -28.97 20.93
N GLU B 481 -4.82 -29.72 21.92
CA GLU B 481 -3.53 -29.48 22.56
C GLU B 481 -2.43 -29.60 21.52
N GLU B 482 -2.58 -30.50 20.58
CA GLU B 482 -1.54 -30.77 19.61
C GLU B 482 -1.31 -29.70 18.59
N ASN B 483 -2.27 -28.77 18.46
CA ASN B 483 -2.18 -27.66 17.51
C ASN B 483 -1.43 -26.52 18.20
N LYS B 484 -0.26 -26.26 17.69
CA LYS B 484 0.69 -25.42 18.37
C LYS B 484 1.31 -24.30 17.55
N LEU B 485 1.64 -23.22 18.27
CA LEU B 485 2.52 -22.17 17.79
C LEU B 485 3.70 -22.14 18.69
N TRP B 486 4.86 -22.48 18.15
CA TRP B 486 6.10 -22.48 18.91
C TRP B 486 7.22 -21.66 18.24
N PHE B 487 8.33 -21.51 18.96
CA PHE B 487 9.33 -20.62 18.51
C PHE B 487 10.71 -21.27 18.54
N SER B 488 11.40 -21.10 17.46
CA SER B 488 12.72 -21.75 17.30
C SER B 488 13.73 -21.25 18.32
N ASP B 489 14.58 -22.18 18.81
CA ASP B 489 15.69 -21.79 19.61
C ASP B 489 16.92 -21.53 18.82
N LYS B 490 16.88 -21.67 17.51
CA LYS B 490 17.97 -21.26 16.71
C LYS B 490 17.67 -20.23 15.57
N ILE B 491 16.58 -20.34 14.86
CA ILE B 491 16.28 -19.52 13.74
C ILE B 491 15.62 -18.24 14.34
N THR B 492 15.95 -17.11 13.78
CA THR B 492 15.40 -15.82 14.21
C THR B 492 14.70 -15.13 13.05
N ASP B 493 13.75 -14.27 13.40
CA ASP B 493 13.04 -13.50 12.45
C ASP B 493 13.73 -12.23 12.07
N ALA B 494 13.05 -11.39 11.27
CA ALA B 494 13.66 -10.16 10.79
C ALA B 494 14.00 -9.14 11.86
N TYR B 495 13.42 -9.26 13.06
CA TYR B 495 13.72 -8.41 14.23
C TYR B 495 14.54 -9.16 15.29
N ASN B 496 15.15 -10.24 14.84
CA ASN B 496 16.03 -10.94 15.71
C ASN B 496 15.42 -11.63 16.88
N MET B 497 14.16 -12.00 16.76
CA MET B 497 13.39 -12.68 17.80
C MET B 497 13.18 -14.13 17.34
N PRO B 498 12.88 -15.02 18.25
CA PRO B 498 12.75 -16.42 17.92
C PRO B 498 11.66 -16.66 16.89
N GLN B 499 12.03 -17.38 15.82
CA GLN B 499 11.22 -17.57 14.68
C GLN B 499 9.95 -18.36 14.99
N PRO B 500 8.77 -17.76 14.74
CA PRO B 500 7.51 -18.52 14.91
C PRO B 500 7.40 -19.72 13.97
N THR B 501 6.86 -20.83 14.46
CA THR B 501 6.64 -22.00 13.65
C THR B 501 5.29 -22.60 14.04
N PHE B 502 4.53 -23.07 13.08
CA PHE B 502 3.26 -23.69 13.33
C PHE B 502 3.34 -25.22 13.25
N ASP B 503 2.56 -25.85 14.11
CA ASP B 503 2.28 -27.32 13.97
C ASP B 503 0.77 -27.45 14.05
N PHE B 504 0.13 -27.41 12.89
CA PHE B 504 -1.32 -27.24 12.79
C PHE B 504 -1.94 -28.12 11.72
N ARG B 505 -3.02 -28.81 12.11
CA ARG B 505 -3.96 -29.35 11.15
C ARG B 505 -5.37 -29.09 11.67
N PHE B 506 -6.32 -28.92 10.78
CA PHE B 506 -7.71 -28.85 11.23
C PHE B 506 -8.13 -30.20 11.84
N PRO B 507 -8.63 -30.17 13.08
CA PRO B 507 -8.99 -31.46 13.71
C PRO B 507 -9.97 -32.27 12.91
N ALA B 508 -9.75 -33.57 12.92
CA ALA B 508 -10.35 -34.47 12.00
C ALA B 508 -11.84 -34.81 12.06
N GLY B 509 -12.47 -34.60 13.19
CA GLY B 509 -13.93 -34.88 13.34
C GLY B 509 -14.84 -33.68 13.10
N ARG B 510 -15.48 -33.16 14.14
CA ARG B 510 -16.49 -32.14 13.95
C ARG B 510 -15.97 -30.96 13.10
N THR B 511 -14.74 -30.56 13.33
CA THR B 511 -14.21 -29.29 12.69
C THR B 511 -14.18 -29.55 11.21
N SER B 512 -13.68 -30.74 10.86
CA SER B 512 -13.53 -31.11 9.47
C SER B 512 -14.90 -31.32 8.78
N LYS B 513 -15.79 -32.04 9.46
CA LYS B 513 -17.09 -32.34 8.89
C LYS B 513 -17.87 -31.01 8.73
N GLU B 514 -17.78 -30.07 9.73
CA GLU B 514 -18.45 -28.79 9.60
C GLU B 514 -17.84 -27.97 8.41
N ALA B 515 -16.52 -28.03 8.24
CA ALA B 515 -15.85 -27.23 7.23
C ALA B 515 -16.35 -27.59 5.85
N GLU B 516 -16.47 -28.86 5.59
CA GLU B 516 -16.97 -29.29 4.28
C GLU B 516 -18.46 -29.01 4.16
N ASP B 517 -19.27 -29.17 5.21
CA ASP B 517 -20.71 -28.83 5.18
C ASP B 517 -20.90 -27.32 4.90
N MET B 518 -19.97 -26.53 5.44
CA MET B 518 -19.88 -25.08 5.23
C MET B 518 -19.61 -24.74 3.77
N MET B 519 -18.69 -25.47 3.13
CA MET B 519 -18.51 -25.26 1.71
C MET B 519 -19.79 -25.51 0.96
N THR B 520 -20.45 -26.62 1.27
CA THR B 520 -21.67 -27.04 0.61
C THR B 520 -22.71 -25.99 0.80
N ASP B 521 -22.79 -25.46 2.03
CA ASP B 521 -23.78 -24.42 2.32
C ASP B 521 -23.56 -23.17 1.43
N MET B 522 -22.28 -22.77 1.29
CA MET B 522 -21.94 -21.61 0.46
C MET B 522 -22.42 -21.88 -1.00
N CYS B 523 -22.17 -23.09 -1.50
CA CYS B 523 -22.54 -23.39 -2.88
C CYS B 523 -24.05 -23.33 -3.04
N VAL B 524 -24.76 -23.90 -2.06
CA VAL B 524 -26.24 -23.93 -2.05
C VAL B 524 -26.80 -22.52 -1.96
N MET B 525 -26.36 -21.73 -0.97
CA MET B 525 -26.94 -20.46 -0.71
C MET B 525 -26.60 -19.44 -1.86
N SER B 526 -25.34 -19.44 -2.32
CA SER B 526 -24.89 -18.47 -3.31
C SER B 526 -25.66 -18.64 -4.61
N ALA B 527 -26.11 -19.85 -4.90
CA ALA B 527 -26.85 -20.14 -6.13
C ALA B 527 -28.23 -19.45 -6.17
N LYS B 528 -28.77 -19.04 -5.00
CA LYS B 528 -30.08 -18.36 -4.93
C LYS B 528 -29.90 -16.94 -5.51
N ILE B 529 -28.66 -16.46 -5.50
CA ILE B 529 -28.32 -15.12 -5.96
C ILE B 529 -27.81 -15.09 -7.40
N GLY B 530 -26.92 -16.01 -7.78
CA GLY B 530 -26.43 -16.05 -9.14
C GLY B 530 -25.36 -17.15 -9.20
N GLY B 531 -24.92 -17.45 -10.40
CA GLY B 531 -23.87 -18.42 -10.54
C GLY B 531 -22.50 -17.87 -10.17
N PHE B 532 -21.51 -18.76 -10.09
CA PHE B 532 -20.20 -18.35 -9.68
C PHE B 532 -19.58 -17.50 -10.80
N LEU B 533 -18.74 -16.56 -10.42
CA LEU B 533 -17.90 -15.83 -11.35
C LEU B 533 -16.68 -16.61 -11.75
N PRO B 534 -16.48 -16.81 -13.08
CA PRO B 534 -15.31 -17.57 -13.48
C PRO B 534 -14.08 -16.87 -12.91
N GLY B 535 -13.15 -17.67 -12.39
CA GLY B 535 -11.97 -17.10 -11.77
C GLY B 535 -12.08 -16.92 -10.25
N SER B 536 -13.32 -17.03 -9.76
CA SER B 536 -13.59 -16.93 -8.35
C SER B 536 -14.53 -18.05 -7.93
N LEU B 537 -14.13 -19.23 -8.31
CA LEU B 537 -14.93 -20.46 -8.03
C LEU B 537 -14.80 -20.81 -6.55
N PRO B 538 -15.73 -21.57 -6.03
CA PRO B 538 -15.68 -21.96 -4.61
C PRO B 538 -14.44 -22.72 -4.20
N GLN B 539 -13.76 -22.28 -3.14
CA GLN B 539 -12.51 -22.86 -2.75
C GLN B 539 -12.21 -22.66 -1.28
N PHE B 540 -11.43 -23.54 -0.62
CA PHE B 540 -10.90 -23.19 0.68
C PHE B 540 -9.71 -22.24 0.43
N MET B 541 -9.57 -21.28 1.32
CA MET B 541 -8.42 -20.46 1.30
C MET B 541 -7.26 -21.03 2.10
N GLU B 542 -6.06 -20.56 1.77
CA GLU B 542 -4.84 -21.10 2.40
C GLU B 542 -5.01 -20.97 3.91
N PRO B 543 -4.57 -21.99 4.69
CA PRO B 543 -4.81 -21.97 6.10
C PRO B 543 -4.18 -20.71 6.73
N GLY B 544 -5.02 -19.93 7.38
CA GLY B 544 -4.58 -18.75 8.18
C GLY B 544 -4.64 -17.47 7.36
N LEU B 545 -5.00 -17.54 6.06
CA LEU B 545 -5.18 -16.31 5.32
C LEU B 545 -6.31 -15.42 5.94
N VAL B 546 -7.22 -16.07 6.62
CA VAL B 546 -8.37 -15.47 7.25
C VAL B 546 -7.98 -14.55 8.41
N LEU B 547 -6.83 -14.78 9.02
CA LEU B 547 -6.33 -13.92 10.08
C LEU B 547 -7.24 -13.78 11.30
N HIS B 548 -7.75 -14.93 11.75
CA HIS B 548 -8.60 -14.99 12.94
C HIS B 548 -8.06 -15.95 13.94
N LEU B 549 -6.74 -16.11 14.00
CA LEU B 549 -6.08 -16.95 14.93
C LEU B 549 -6.40 -16.65 16.40
N GLY B 550 -6.74 -17.69 17.13
CA GLY B 550 -7.01 -17.54 18.57
C GLY B 550 -6.37 -18.59 19.42
N GLY B 551 -6.48 -18.39 20.70
CA GLY B 551 -6.21 -19.42 21.73
C GLY B 551 -4.73 -19.69 21.97
N THR B 552 -3.90 -18.84 21.47
CA THR B 552 -2.43 -18.91 21.65
C THR B 552 -1.94 -18.53 23.10
N HIS B 553 -2.78 -17.82 23.84
CA HIS B 553 -2.56 -17.48 25.23
C HIS B 553 -3.91 -17.45 25.97
N ARG B 554 -4.59 -18.61 25.98
CA ARG B 554 -6.05 -18.65 26.12
C ARG B 554 -6.54 -18.40 27.54
N MET B 555 -7.78 -17.88 27.66
CA MET B 555 -8.44 -17.61 28.90
C MET B 555 -9.22 -18.78 29.50
N GLY B 556 -9.23 -18.86 30.82
CA GLY B 556 -10.19 -19.77 31.55
C GLY B 556 -10.22 -19.39 33.03
N PHE B 557 -10.96 -20.15 33.79
CA PHE B 557 -11.07 -19.91 35.24
C PHE B 557 -9.88 -20.45 36.03
N ASP B 558 -9.34 -21.60 35.61
CA ASP B 558 -8.31 -22.30 36.32
C ASP B 558 -7.22 -22.76 35.37
N GLU B 559 -5.97 -22.43 35.72
CA GLU B 559 -4.86 -22.65 34.84
C GLU B 559 -4.76 -24.10 34.43
N LYS B 560 -4.90 -24.98 35.43
CA LYS B 560 -4.77 -26.43 35.22
C LYS B 560 -6.03 -27.08 34.63
N GLU B 561 -7.18 -26.86 35.22
CA GLU B 561 -8.41 -27.53 34.77
C GLU B 561 -8.83 -27.09 33.37
N ASP B 562 -8.58 -25.83 33.06
CA ASP B 562 -9.10 -25.23 31.83
C ASP B 562 -7.99 -25.05 30.80
N ASN B 563 -6.83 -25.57 31.13
CA ASN B 563 -5.68 -25.58 30.21
C ASN B 563 -5.41 -24.23 29.63
N CYS B 564 -5.14 -23.26 30.50
CA CYS B 564 -5.12 -21.89 30.04
C CYS B 564 -4.03 -21.02 30.65
N CYS B 565 -3.95 -19.77 30.21
CA CYS B 565 -2.84 -18.88 30.52
C CYS B 565 -3.21 -17.62 31.27
N VAL B 566 -4.43 -17.13 31.00
CA VAL B 566 -4.91 -15.96 31.67
C VAL B 566 -6.30 -16.22 32.24
N ASN B 567 -6.59 -15.53 33.35
CA ASN B 567 -7.91 -15.56 33.95
C ASN B 567 -8.94 -14.65 33.29
N THR B 568 -10.16 -14.61 33.84
CA THR B 568 -11.20 -13.83 33.17
C THR B 568 -11.04 -12.32 33.28
N ASP B 569 -9.99 -11.90 33.98
CA ASP B 569 -9.58 -10.46 33.96
C ASP B 569 -8.42 -10.27 32.99
N SER B 570 -8.14 -11.31 32.22
CA SER B 570 -6.99 -11.36 31.34
C SER B 570 -5.61 -11.20 32.00
N ARG B 571 -5.54 -11.56 33.28
CA ARG B 571 -4.31 -11.51 34.02
C ARG B 571 -3.61 -12.85 33.92
N VAL B 572 -2.31 -12.82 33.68
CA VAL B 572 -1.51 -14.07 33.57
C VAL B 572 -1.46 -14.73 34.92
N PHE B 573 -1.79 -16.00 35.01
CA PHE B 573 -1.86 -16.70 36.31
C PHE B 573 -0.56 -16.58 37.01
N GLY B 574 -0.61 -16.21 38.27
CA GLY B 574 0.59 -16.06 39.10
C GLY B 574 1.07 -14.63 39.25
N PHE B 575 0.78 -13.81 38.22
CA PHE B 575 1.40 -12.50 38.11
C PHE B 575 0.40 -11.42 38.43
N LYS B 576 0.84 -10.50 39.30
CA LYS B 576 -0.04 -9.53 39.88
C LYS B 576 -0.32 -8.42 38.90
N ASN B 577 0.62 -8.18 37.97
CA ASN B 577 0.62 -6.98 37.16
C ASN B 577 0.88 -7.14 35.66
N LEU B 578 0.61 -8.31 35.13
CA LEU B 578 0.76 -8.60 33.71
C LEU B 578 -0.58 -9.12 33.14
N PHE B 579 -1.01 -8.49 32.05
CA PHE B 579 -2.27 -8.71 31.36
C PHE B 579 -2.03 -8.87 29.88
N LEU B 580 -2.81 -9.74 29.26
CA LEU B 580 -2.74 -9.93 27.81
C LEU B 580 -4.06 -9.53 27.20
N GLY B 581 -4.05 -8.90 26.04
CA GLY B 581 -5.29 -8.64 25.35
C GLY B 581 -5.13 -9.14 23.93
N GLY B 582 -6.27 -9.52 23.37
CA GLY B 582 -6.30 -9.89 21.99
C GLY B 582 -7.05 -11.20 21.79
N CYS B 583 -7.10 -11.58 20.53
CA CYS B 583 -7.76 -12.84 20.09
C CYS B 583 -7.08 -14.07 20.63
N GLY B 584 -5.79 -13.97 20.97
CA GLY B 584 -5.14 -15.19 21.60
C GLY B 584 -5.73 -15.53 22.94
N ASN B 585 -6.49 -14.63 23.53
CA ASN B 585 -7.22 -14.95 24.79
C ASN B 585 -8.42 -15.87 24.54
N ILE B 586 -8.99 -15.84 23.34
CA ILE B 586 -10.25 -16.58 23.12
C ILE B 586 -10.02 -18.07 23.07
N PRO B 587 -10.56 -18.84 24.04
CA PRO B 587 -10.29 -20.26 24.14
C PRO B 587 -11.25 -21.21 23.43
N THR B 588 -12.30 -20.67 22.87
CA THR B 588 -13.35 -21.45 22.29
C THR B 588 -13.17 -21.64 20.77
N ALA B 589 -14.00 -22.54 20.24
CA ALA B 589 -14.19 -22.67 18.78
C ALA B 589 -15.20 -21.66 18.30
N TYR B 590 -14.76 -20.68 17.49
CA TYR B 590 -15.64 -19.58 17.06
C TYR B 590 -15.51 -19.35 15.55
N GLY B 591 -16.63 -19.07 14.88
CA GLY B 591 -16.63 -18.76 13.48
C GLY B 591 -16.77 -17.29 13.19
N ALA B 592 -17.43 -16.54 14.07
CA ALA B 592 -17.56 -15.09 13.84
C ALA B 592 -16.28 -14.28 13.97
N ASN B 593 -16.23 -13.08 13.41
CA ASN B 593 -15.02 -12.28 13.47
C ASN B 593 -14.72 -11.94 14.95
N PRO B 594 -13.47 -12.15 15.40
CA PRO B 594 -13.19 -12.11 16.83
C PRO B 594 -12.87 -10.80 17.52
N THR B 595 -12.67 -9.70 16.80
CA THR B 595 -12.08 -8.56 17.41
C THR B 595 -13.05 -7.90 18.42
N LEU B 596 -14.35 -7.82 18.15
CA LEU B 596 -15.29 -7.22 19.12
C LEU B 596 -15.27 -7.99 20.46
N THR B 597 -15.13 -9.30 20.37
CA THR B 597 -15.08 -10.17 21.54
C THR B 597 -13.77 -9.93 22.32
N ALA B 598 -12.65 -9.85 21.62
CA ALA B 598 -11.37 -9.50 22.25
C ALA B 598 -11.42 -8.13 22.94
N MET B 599 -12.04 -7.15 22.30
CA MET B 599 -12.24 -5.85 22.91
C MET B 599 -13.09 -5.92 24.21
N SER B 600 -14.20 -6.67 24.17
CA SER B 600 -15.06 -6.84 25.37
C SER B 600 -14.24 -7.41 26.58
N LEU B 601 -13.42 -8.44 26.32
CA LEU B 601 -12.52 -8.94 27.33
C LEU B 601 -11.56 -7.88 27.81
N ALA B 602 -11.03 -7.03 26.93
CA ALA B 602 -10.10 -6.04 27.41
C ALA B 602 -10.78 -5.02 28.25
N ILE B 603 -12.02 -4.70 27.93
CA ILE B 603 -12.74 -3.78 28.82
C ILE B 603 -12.85 -4.33 30.23
N LYS B 604 -13.19 -5.62 30.31
CA LYS B 604 -13.30 -6.26 31.60
C LYS B 604 -11.92 -6.25 32.35
N SER B 605 -10.87 -6.54 31.60
CA SER B 605 -9.50 -6.40 32.09
C SER B 605 -9.20 -5.01 32.67
N CYS B 606 -9.59 -3.95 31.97
CA CYS B 606 -9.39 -2.63 32.46
C CYS B 606 -10.15 -2.27 33.74
N GLU B 607 -11.33 -2.84 33.91
CA GLU B 607 -12.07 -2.67 35.15
C GLU B 607 -11.23 -3.22 36.29
N TYR B 608 -10.63 -4.38 36.11
CA TYR B 608 -9.81 -4.98 37.16
C TYR B 608 -8.62 -4.03 37.48
N ILE B 609 -7.97 -3.49 36.47
CA ILE B 609 -6.80 -2.64 36.66
C ILE B 609 -7.25 -1.39 37.43
N LYS B 610 -8.36 -0.79 37.01
CA LYS B 610 -8.84 0.42 37.66
C LYS B 610 -9.14 0.26 39.13
N GLN B 611 -9.61 -0.92 39.49
CA GLN B 611 -9.94 -1.25 40.87
C GLN B 611 -8.76 -1.72 41.76
N ASN B 612 -7.59 -1.98 41.17
CA ASN B 612 -6.45 -2.57 41.91
C ASN B 612 -5.14 -1.82 41.79
N PHE B 613 -5.06 -0.77 40.94
CA PHE B 613 -3.84 -0.01 40.85
C PHE B 613 -4.20 1.46 40.89
N THR B 614 -3.36 2.24 41.51
CA THR B 614 -3.71 3.66 41.78
C THR B 614 -2.95 4.52 40.78
N PRO B 615 -3.66 5.40 40.03
CA PRO B 615 -2.86 6.24 39.13
C PRO B 615 -1.91 7.16 39.92
N SER B 616 -0.74 7.44 39.40
CA SER B 616 0.14 8.37 40.01
C SER B 616 -0.42 9.79 40.05
N PRO B 617 -0.08 10.54 41.09
CA PRO B 617 -0.67 11.87 41.12
C PRO B 617 -0.13 12.70 39.98
N PHE B 618 -0.99 13.51 39.37
CA PHE B 618 -0.53 14.36 38.26
C PHE B 618 -0.10 15.76 38.69
O2 SFD C . 10.39 5.57 -13.11
C4A SFD C . -3.66 17.66 -8.12
N10 SFD C . 9.48 8.32 -11.35
C0F SFD C . 10.89 8.48 -11.25
N1F SFD C . 11.46 9.56 -11.81
C2F SFD C . 12.77 9.77 -11.71
O2F SFD C . 13.24 10.88 -12.07
N3F SFD C . 13.56 8.83 -11.19
C4F SFD C . 13.14 7.59 -10.64
O4F SFD C . 13.97 6.74 -10.33
C5F SFD C . 11.73 7.32 -10.90
N5F SFD C . 11.12 6.05 -10.71
C6F SFD C . 9.83 6.03 -10.41
C9F SFD C . 8.99 7.07 -10.71
C1F SFD C . 7.60 7.09 -10.40
C8F SFD C . 7.12 5.88 -9.78
C3F SFD C . 5.70 5.77 -9.32
C7F SFD C . 7.99 4.82 -9.49
CBF SFD C . 9.37 4.84 -9.82
CAF SFD C . 7.59 3.52 -8.79
C1R SFD C . 8.61 9.38 -11.84
C2R SFD C . 8.64 10.63 -10.79
O2R SFD C . 8.06 10.11 -9.58
C3R SFD C . 7.81 11.76 -11.37
O3R SFD C . 8.51 12.22 -12.50
C4R SFD C . 7.72 12.98 -10.41
O4R SFD C . 7.13 12.50 -9.13
C5R SFD C . 6.85 14.03 -11.03
O5R SFD C . 6.80 15.19 -10.03
PF SFD C . 5.63 16.20 -10.15
OP1 SFD C . 5.75 16.99 -8.89
OP2 SFD C . 5.71 16.94 -11.46
OP SFD C . 4.25 15.27 -10.20
PA SFD C . 3.66 14.19 -9.16
OP3 SFD C . 4.72 13.50 -8.37
OP4 SFD C . 2.77 13.35 -10.05
O0R SFD C . 2.80 15.10 -8.22
C0R SFD C . 1.60 15.77 -8.73
C9R SFD C . 0.70 16.03 -7.58
O9R SFD C . -0.41 16.80 -8.20
C6R SFD C . -1.62 16.35 -7.52
N9A SFD C . -2.78 16.70 -8.37
N3A SFD C . -3.80 18.53 -7.07
C2A SFD C . -4.82 19.33 -7.09
N1A SFD C . -5.73 19.39 -8.11
C6A SFD C . -5.58 18.58 -9.18
N9 SFD C . -6.44 18.62 -10.24
C5M SFD C . -4.52 17.67 -9.16
N7A SFD C . -4.20 16.69 -10.08
C8A SFD C . -3.11 16.10 -9.56
C7R SFD C . -1.40 14.87 -7.31
O7R SFD C . -2.20 14.43 -6.20
C8R SFD C . 0.11 14.77 -6.98
O8R SFD C . 0.35 14.81 -5.59
S SFD C . 11.49 5.12 -12.15
O1 SFD C . 12.77 5.22 -12.84
O3 SFD C . 11.33 3.66 -11.73
S SO3 D . 4.61 36.90 -23.81
O1 SO3 D . 3.63 36.89 -22.71
O2 SO3 D . 4.96 35.57 -24.34
O3 SO3 D . 4.08 37.84 -24.81
S SO3 E . 0.84 41.83 -21.64
O1 SO3 E . 0.90 40.63 -20.72
O2 SO3 E . 1.04 41.26 -22.98
O3 SO3 E . -0.51 42.38 -21.65
C1 GLC F . 15.35 28.91 0.05
C2 GLC F . 16.00 27.76 -0.74
C3 GLC F . 17.16 28.47 -1.43
C4 GLC F . 16.66 29.71 -2.22
C5 GLC F . 15.86 30.69 -1.32
C6 GLC F . 15.26 31.89 -2.04
O1 GLC F . 15.77 29.18 1.38
O2 GLC F . 16.51 26.81 0.19
O3 GLC F . 17.96 27.60 -2.20
O4 GLC F . 17.74 30.37 -2.82
O5 GLC F . 14.77 30.01 -0.68
O6 GLC F . 14.46 31.51 -3.14
O16 12P G . -14.46 5.33 -30.98
C15 12P G . -13.08 5.18 -30.69
C14 12P G . -12.89 4.11 -29.62
O13 12P G . -12.48 2.85 -30.18
C12 12P G . -12.88 1.76 -29.34
C11 12P G . -12.81 0.45 -30.09
O10 12P G . -11.63 0.47 -30.90
C9 12P G . -11.30 -0.85 -31.32
C8 12P G . -10.24 -0.81 -32.45
O7 12P G . -10.53 0.27 -33.36
C6 12P G . -9.39 0.69 -34.15
C5 12P G . -9.84 1.66 -35.25
O2 SFD H . -11.13 -11.09 8.64
C4A SFD H . 4.56 -4.98 18.48
N10 SFD H . -9.56 -8.70 10.88
C0F SFD H . -10.87 -8.56 11.14
N1F SFD H . -11.41 -8.83 12.43
C2F SFD H . -12.67 -8.54 12.72
O2F SFD H . -13.13 -8.72 13.88
N3F SFD H . -13.55 -8.12 11.72
C4F SFD H . -13.19 -7.97 10.36
O4F SFD H . -14.01 -7.66 9.49
C5F SFD H . -11.82 -8.35 10.03
N5F SFD H . -11.31 -8.45 8.72
C6F SFD H . -10.03 -8.19 8.52
C9F SFD H . -9.10 -8.40 9.52
C1F SFD H . -7.69 -8.17 9.34
C8F SFD H . -7.28 -7.81 8.04
C3F SFD H . -5.81 -7.52 7.78
C7F SFD H . -8.22 -7.67 7.03
CBF SFD H . -9.62 -7.91 7.21
CAF SFD H . -7.83 -7.28 5.61
C1R SFD H . -8.71 -9.11 12.03
C2R SFD H . -8.50 -7.82 12.98
O2R SFD H . -7.83 -6.79 12.23
C3R SFD H . -7.62 -8.28 14.19
O3R SFD H . -8.39 -9.21 14.93
C4R SFD H . -7.36 -7.07 15.17
O4R SFD H . -6.71 -6.01 14.48
C5R SFD H . -6.46 -7.64 16.29
O5R SFD H . -6.28 -6.36 17.10
PF SFD H . -4.99 -6.41 18.09
OP1 SFD H . -4.95 -4.99 18.70
OP2 SFD H . -5.04 -7.59 19.03
OP SFD H . -3.74 -6.78 17.12
PA SFD H . -3.07 -6.02 15.87
OP3 SFD H . -4.09 -5.20 15.20
OP4 SFD H . -2.40 -7.07 15.12
O0R SFD H . -2.01 -5.02 16.52
C0R SFD H . -0.84 -5.46 17.24
C9R SFD H . 0.16 -4.32 17.24
O9R SFD H . 1.24 -4.86 17.87
C6R SFD H . 2.43 -4.43 17.26
N9A SFD H . 3.54 -5.31 17.63
N3A SFD H . 4.85 -3.82 19.15
C2A SFD H . 5.96 -3.78 19.91
N1A SFD H . 6.80 -4.84 20.07
C6A SFD H . 6.51 -6.04 19.51
N9 SFD H . 7.30 -7.06 19.70
C5M SFD H . 5.36 -6.06 18.64
N7A SFD H . 4.85 -7.06 17.93
C8A SFD H . 3.73 -6.63 17.32
C7R SFD H . 2.10 -4.48 15.72
O7R SFD H . 2.90 -3.46 15.09
C8R SFD H . 0.63 -4.03 15.79
O8R SFD H . 0.42 -2.70 15.44
S SFD H . -11.93 -9.96 8.10
O1 SFD H . -13.36 -10.21 8.32
O3 SFD H . -11.63 -9.82 6.59
S SO3 I . -3.02 -15.79 41.09
O1 SO3 I . -4.23 -15.12 41.50
O2 SO3 I . -3.31 -16.59 39.91
O3 SO3 I . -1.89 -14.80 40.94
S SO3 J . -26.69 7.22 -11.55
O1 SO3 J . -27.99 7.72 -12.11
O2 SO3 J . -26.23 6.07 -12.19
O3 SO3 J . -25.89 8.33 -12.11
O16 12P K . 12.43 -30.55 10.10
C15 12P K . 11.06 -30.22 10.03
C14 12P K . 10.85 -29.32 8.85
O13 12P K . 10.72 -30.13 7.67
C12 12P K . 10.73 -29.35 6.48
C11 12P K . 10.69 -30.27 5.29
O10 12P K . 9.48 -31.04 5.44
C9 12P K . 9.13 -31.69 4.22
C8 12P K . 7.90 -32.58 4.49
O7 12P K . 8.02 -33.23 5.76
C6 12P K . 6.93 -34.13 6.05
C5 12P K . 6.80 -34.35 7.56
O4 12P K . 7.64 -35.42 8.02
C3 12P K . 7.15 -36.02 9.23
#